data_5NNV
#
_entry.id   5NNV
#
_cell.length_a   44.309
_cell.length_b   42.739
_cell.length_c   174.601
_cell.angle_alpha   89.97
_cell.angle_beta   93.64
_cell.angle_gamma   89.97
#
_symmetry.space_group_name_H-M   'P 1'
#
_entity_poly.entity_id   1
_entity_poly.type   'polypeptide(L)'
_entity_poly.pdbx_seq_one_letter_code
;GSG(MSE)EKVQ(MSE)AKEEELAESSAISAKEAKIEDTRDKIQALDESVDELQQVLLVTSEELEKLEGRKEVLKERKKN
AVQNQEQLEEAIVQFQQKETVLKEELSKQEAVFETLQAEVKQLRAQVKEKQQALSLHNENVEEKIESGGSGGSRLTKQKQ
TQSSTKESLSNELTELKIAAAKKEQACKGEEDNLARLKKELTETELALKEAKEDLSFLTSE(MSE)SSSTSGEEKLEEAA
KHKLNDKTKTIELIALRRDQRIKLQHGLDTYERELKE(MSE)KRLYKQKTTLLKDEEV
;
_entity_poly.pdbx_strand_id   A,B,C,D
#
# COMPACT_ATOMS: atom_id res chain seq x y z
N ALA A 10 27.73 9.73 16.99
CA ALA A 10 28.30 9.49 15.67
C ALA A 10 27.41 8.58 14.83
N LYS A 11 26.82 7.57 15.47
CA LYS A 11 25.92 6.64 14.80
C LYS A 11 24.49 7.15 14.79
N GLU A 12 24.19 8.07 15.71
CA GLU A 12 22.83 8.60 15.86
C GLU A 12 22.36 9.30 14.58
N GLU A 13 23.31 9.80 13.78
CA GLU A 13 22.99 10.38 12.48
C GLU A 13 23.60 9.56 11.36
N GLU A 14 24.03 8.34 11.70
CA GLU A 14 24.34 7.32 10.71
C GLU A 14 23.02 6.75 10.22
N LEU A 15 22.12 6.50 11.17
CA LEU A 15 20.82 5.93 10.88
C LEU A 15 19.87 7.03 10.40
N ALA A 16 20.12 8.26 10.83
CA ALA A 16 19.31 9.40 10.40
C ALA A 16 19.54 9.66 8.92
N GLU A 17 20.58 9.02 8.39
CA GLU A 17 20.88 9.00 6.97
C GLU A 17 20.15 7.84 6.32
N SER A 18 19.94 6.78 7.09
CA SER A 18 19.25 5.58 6.61
C SER A 18 17.74 5.81 6.55
N SER A 19 17.29 6.94 7.08
CA SER A 19 15.89 7.32 7.02
C SER A 19 15.52 7.65 5.58
N ALA A 20 16.49 8.15 4.83
CA ALA A 20 16.28 8.50 3.42
C ALA A 20 16.10 7.22 2.59
N ILE A 21 16.67 6.13 3.06
CA ILE A 21 16.50 4.82 2.42
C ILE A 21 15.03 4.44 2.47
N SER A 22 14.38 4.77 3.59
CA SER A 22 12.95 4.52 3.75
C SER A 22 12.19 5.38 2.74
N ALA A 23 12.70 6.59 2.49
CA ALA A 23 12.05 7.50 1.55
C ALA A 23 12.15 6.93 0.15
N LYS A 24 13.33 6.43 -0.21
CA LYS A 24 13.53 5.84 -1.53
C LYS A 24 12.76 4.54 -1.67
N GLU A 25 12.74 3.74 -0.59
CA GLU A 25 12.01 2.47 -0.59
C GLU A 25 10.50 2.70 -0.56
N ALA A 26 10.09 3.91 -0.15
CA ALA A 26 8.69 4.27 -0.14
C ALA A 26 8.34 4.91 -1.48
N LYS A 27 9.29 5.64 -2.04
CA LYS A 27 9.10 6.28 -3.33
C LYS A 27 8.97 5.20 -4.39
N ILE A 28 9.57 4.05 -4.13
CA ILE A 28 9.46 2.90 -5.02
C ILE A 28 8.04 2.33 -4.95
N GLU A 29 7.60 1.96 -3.75
CA GLU A 29 6.30 1.32 -3.56
C GLU A 29 5.16 2.28 -3.91
N ASP A 30 5.45 3.58 -3.90
CA ASP A 30 4.49 4.58 -4.33
C ASP A 30 4.49 4.71 -5.85
N THR A 31 5.64 4.45 -6.46
CA THR A 31 5.81 4.58 -7.91
C THR A 31 5.32 3.35 -8.67
N ARG A 32 5.53 2.16 -8.11
CA ARG A 32 5.03 0.93 -8.75
C ARG A 32 3.51 0.91 -8.77
N ASP A 33 2.89 1.67 -7.86
CA ASP A 33 1.44 1.78 -7.81
C ASP A 33 0.97 2.93 -8.69
N LYS A 34 1.93 3.63 -9.30
CA LYS A 34 1.61 4.68 -10.24
C LYS A 34 1.57 4.10 -11.64
N ILE A 35 2.37 3.06 -11.89
CA ILE A 35 2.38 2.42 -13.20
C ILE A 35 1.18 1.51 -13.44
N GLN A 36 0.86 0.63 -12.49
CA GLN A 36 -0.23 -0.34 -12.67
C GLN A 36 -1.60 0.31 -12.74
N ALA A 37 -1.68 1.58 -12.36
CA ALA A 37 -2.93 2.31 -12.49
C ALA A 37 -3.19 2.49 -13.99
N LEU A 38 -2.10 2.54 -14.76
CA LEU A 38 -2.18 2.73 -16.20
C LEU A 38 -2.08 1.43 -17.00
N ASP A 39 -1.52 0.37 -16.42
CA ASP A 39 -1.48 -0.91 -17.15
C ASP A 39 -2.85 -1.61 -17.19
N GLU A 40 -3.81 -1.09 -16.44
CA GLU A 40 -5.18 -1.58 -16.52
C GLU A 40 -6.08 -0.48 -17.06
N SER A 41 -5.59 0.75 -17.04
CA SER A 41 -6.30 1.84 -17.66
C SER A 41 -6.22 1.59 -19.17
N VAL A 42 -5.02 1.27 -19.63
CA VAL A 42 -4.79 0.89 -21.02
C VAL A 42 -5.62 -0.34 -21.37
N ASP A 43 -5.61 -1.32 -20.48
CA ASP A 43 -6.35 -2.56 -20.65
C ASP A 43 -7.84 -2.29 -20.84
N GLU A 44 -8.34 -1.29 -20.13
CA GLU A 44 -9.73 -0.88 -20.25
C GLU A 44 -9.95 -0.25 -21.62
N LEU A 45 -8.92 0.43 -22.11
CA LEU A 45 -9.00 1.12 -23.39
C LEU A 45 -8.89 0.13 -24.56
N GLN A 46 -8.12 -0.94 -24.38
CA GLN A 46 -7.95 -1.95 -25.42
C GLN A 46 -9.22 -2.78 -25.59
N GLN A 47 -10.08 -2.74 -24.57
CA GLN A 47 -11.35 -3.45 -24.66
C GLN A 47 -12.39 -2.54 -25.27
N VAL A 48 -12.15 -1.23 -25.19
CA VAL A 48 -12.96 -0.24 -25.89
C VAL A 48 -12.63 -0.24 -27.37
N LEU A 49 -11.33 -0.22 -27.69
CA LEU A 49 -10.85 -0.24 -29.06
C LEU A 49 -11.36 -1.49 -29.79
N LEU A 50 -11.42 -2.60 -29.08
CA LEU A 50 -11.94 -3.85 -29.63
C LEU A 50 -13.37 -3.64 -30.10
N VAL A 51 -14.18 -3.04 -29.22
CA VAL A 51 -15.59 -2.77 -29.50
C VAL A 51 -15.76 -1.78 -30.66
N THR A 52 -14.99 -0.69 -30.61
CA THR A 52 -15.09 0.35 -31.62
C THR A 52 -14.67 -0.16 -33.01
N SER A 53 -13.65 -1.01 -33.03
CA SER A 53 -13.15 -1.58 -34.27
C SER A 53 -14.16 -2.52 -34.89
N GLU A 54 -14.92 -3.21 -34.06
CA GLU A 54 -15.91 -4.17 -34.54
C GLU A 54 -17.05 -3.47 -35.25
N GLU A 55 -17.46 -2.32 -34.71
CA GLU A 55 -18.58 -1.59 -35.27
C GLU A 55 -18.25 -0.99 -36.63
N LEU A 56 -16.98 -0.63 -36.83
CA LEU A 56 -16.57 -0.01 -38.10
C LEU A 56 -16.67 -0.96 -39.29
N GLU A 57 -16.02 -2.12 -39.17
CA GLU A 57 -15.99 -3.06 -40.28
C GLU A 57 -17.28 -3.88 -40.36
N LYS A 58 -18.16 -3.68 -39.38
CA LYS A 58 -19.52 -4.17 -39.47
C LYS A 58 -20.32 -3.16 -40.28
N LEU A 59 -20.03 -1.88 -40.03
CA LEU A 59 -20.67 -0.79 -40.74
C LEU A 59 -20.14 -0.73 -42.16
N GLU A 60 -18.83 -0.93 -42.30
CA GLU A 60 -18.14 -0.87 -43.58
C GLU A 60 -18.58 -2.03 -44.47
N GLY A 61 -19.03 -3.10 -43.82
CA GLY A 61 -19.59 -4.25 -44.51
C GLY A 61 -21.03 -3.98 -44.92
N ARG A 62 -21.76 -3.33 -44.03
CA ARG A 62 -23.14 -2.95 -44.29
C ARG A 62 -23.21 -1.95 -45.44
N LYS A 63 -22.12 -1.21 -45.63
CA LYS A 63 -22.02 -0.25 -46.72
C LYS A 63 -21.78 -0.98 -48.03
N GLU A 64 -21.27 -2.20 -47.93
CA GLU A 64 -20.96 -3.02 -49.09
C GLU A 64 -22.19 -3.75 -49.61
N VAL A 65 -23.19 -3.89 -48.74
CA VAL A 65 -24.45 -4.54 -49.10
C VAL A 65 -25.24 -3.74 -50.13
N LEU A 66 -25.36 -2.43 -49.91
CA LEU A 66 -26.06 -1.55 -50.83
C LEU A 66 -25.36 -1.49 -52.19
N LYS A 67 -24.05 -1.72 -52.18
CA LYS A 67 -23.26 -1.75 -53.39
C LYS A 67 -23.57 -2.99 -54.20
N GLU A 68 -24.00 -4.04 -53.50
CA GLU A 68 -24.40 -5.26 -54.17
C GLU A 68 -25.84 -5.16 -54.66
N ARG A 69 -26.66 -4.41 -53.92
CA ARG A 69 -28.07 -4.25 -54.27
C ARG A 69 -28.32 -3.26 -55.40
N LYS A 70 -27.50 -2.22 -55.49
CA LYS A 70 -27.67 -1.23 -56.57
C LYS A 70 -27.05 -1.72 -57.87
N LYS A 71 -25.84 -2.28 -57.79
CA LYS A 71 -25.15 -2.75 -58.98
C LYS A 71 -25.88 -3.97 -59.54
N ASN A 72 -26.82 -4.50 -58.76
CA ASN A 72 -27.71 -5.53 -59.24
C ASN A 72 -29.00 -4.86 -59.71
N ALA A 73 -29.30 -3.70 -59.11
CA ALA A 73 -30.47 -2.91 -59.49
C ALA A 73 -30.21 -2.09 -60.75
N VAL A 74 -28.97 -1.62 -60.90
CA VAL A 74 -28.58 -0.84 -62.07
C VAL A 74 -28.69 -1.73 -63.30
N GLN A 75 -28.43 -3.02 -63.11
CA GLN A 75 -28.56 -3.99 -64.19
C GLN A 75 -30.03 -4.24 -64.48
N ASN A 76 -30.88 -3.91 -63.51
CA ASN A 76 -32.33 -4.00 -63.70
C ASN A 76 -32.95 -2.69 -64.19
N GLN A 77 -32.34 -1.56 -63.83
CA GLN A 77 -32.83 -0.27 -64.27
C GLN A 77 -32.54 0.05 -65.73
N GLU A 78 -31.29 -0.13 -66.15
CA GLU A 78 -30.89 0.12 -67.53
C GLU A 78 -31.53 -0.87 -68.49
N GLN A 79 -31.96 -2.01 -67.95
CA GLN A 79 -32.61 -3.05 -68.74
C GLN A 79 -34.03 -2.63 -69.10
N LEU A 80 -34.71 -2.00 -68.15
CA LEU A 80 -36.10 -1.58 -68.37
C LEU A 80 -36.17 -0.33 -69.23
N GLU A 81 -35.15 0.52 -69.14
CA GLU A 81 -35.09 1.73 -69.96
C GLU A 81 -35.01 1.34 -71.44
N GLU A 82 -34.41 0.18 -71.69
CA GLU A 82 -34.36 -0.37 -73.04
C GLU A 82 -35.76 -0.79 -73.43
N ALA A 83 -36.46 -1.44 -72.50
CA ALA A 83 -37.81 -1.90 -72.74
C ALA A 83 -38.75 -0.71 -72.89
N ILE A 84 -38.50 0.34 -72.11
CA ILE A 84 -39.28 1.56 -72.19
C ILE A 84 -39.11 2.22 -73.54
N VAL A 85 -37.89 2.17 -74.07
CA VAL A 85 -37.59 2.73 -75.38
C VAL A 85 -38.08 1.81 -76.48
N GLN A 86 -37.94 0.50 -76.26
CA GLN A 86 -38.31 -0.49 -77.26
C GLN A 86 -39.83 -0.57 -77.46
N PHE A 87 -40.59 -0.42 -76.38
CA PHE A 87 -42.04 -0.51 -76.45
C PHE A 87 -42.65 0.74 -77.08
N GLN A 88 -42.10 1.90 -76.75
CA GLN A 88 -42.57 3.15 -77.35
C GLN A 88 -42.21 3.18 -78.83
N GLN A 89 -41.13 2.48 -79.19
CA GLN A 89 -40.68 2.41 -80.57
C GLN A 89 -41.61 1.55 -81.40
N LYS A 90 -42.08 0.46 -80.81
CA LYS A 90 -43.01 -0.44 -81.48
C LYS A 90 -44.39 0.18 -81.52
N GLU A 91 -44.74 0.90 -80.45
CA GLU A 91 -46.04 1.54 -80.35
C GLU A 91 -46.19 2.65 -81.39
N THR A 92 -45.10 3.37 -81.64
CA THR A 92 -45.11 4.42 -82.66
C THR A 92 -45.28 3.81 -84.05
N VAL A 93 -44.76 2.61 -84.22
CA VAL A 93 -44.86 1.91 -85.51
C VAL A 93 -46.25 1.30 -85.69
N LEU A 94 -46.71 0.58 -84.67
CA LEU A 94 -47.99 -0.11 -84.76
C LEU A 94 -49.13 0.89 -84.90
N LYS A 95 -49.10 1.96 -84.12
CA LYS A 95 -50.13 2.98 -84.17
C LYS A 95 -50.07 3.71 -85.52
N GLU A 96 -48.86 3.77 -86.09
CA GLU A 96 -48.69 4.35 -87.41
C GLU A 96 -49.19 3.34 -88.44
N GLU A 97 -48.79 2.09 -88.24
CA GLU A 97 -49.17 1.01 -89.15
C GLU A 97 -50.67 0.74 -89.10
N LEU A 98 -51.22 0.66 -87.89
CA LEU A 98 -52.64 0.40 -87.73
C LEU A 98 -53.42 1.50 -88.41
N SER A 99 -52.97 2.73 -88.25
CA SER A 99 -53.58 3.87 -88.93
C SER A 99 -53.32 3.77 -90.43
N LYS A 100 -52.11 3.32 -90.77
CA LYS A 100 -51.74 3.17 -92.18
C LYS A 100 -52.51 2.02 -92.79
N GLN A 101 -52.72 0.96 -92.00
CA GLN A 101 -53.47 -0.19 -92.47
C GLN A 101 -54.98 0.06 -92.36
N GLU A 102 -55.37 1.02 -91.53
CA GLU A 102 -56.78 1.39 -91.40
C GLU A 102 -57.19 2.20 -92.62
N ALA A 103 -56.21 2.90 -93.20
CA ALA A 103 -56.44 3.69 -94.39
C ALA A 103 -56.74 2.79 -95.59
N VAL A 104 -56.12 1.62 -95.60
CA VAL A 104 -56.37 0.64 -96.64
C VAL A 104 -57.81 0.15 -96.56
N PHE A 105 -58.32 0.00 -95.34
CA PHE A 105 -59.71 -0.40 -95.14
C PHE A 105 -60.66 0.68 -95.65
N GLU A 106 -60.26 1.93 -95.51
CA GLU A 106 -61.06 3.05 -96.00
C GLU A 106 -61.08 3.00 -97.53
N THR A 107 -59.90 2.85 -98.11
CA THR A 107 -59.75 2.74 -99.55
C THR A 107 -60.38 1.45 -100.05
N LEU A 108 -60.46 0.46 -99.16
CA LEU A 108 -61.03 -0.84 -99.48
C LEU A 108 -62.51 -0.77 -99.83
N GLN A 109 -63.29 -0.24 -98.89
CA GLN A 109 -64.75 -0.19 -99.03
C GLN A 109 -65.20 0.95 -99.93
N ALA A 110 -64.26 1.79 -100.35
CA ALA A 110 -64.59 2.86 -101.29
C ALA A 110 -64.61 2.31 -102.71
N GLU A 111 -63.83 1.25 -102.93
CA GLU A 111 -63.73 0.66 -104.26
C GLU A 111 -64.84 -0.36 -104.49
N VAL A 112 -65.30 -0.98 -103.41
CA VAL A 112 -66.37 -1.98 -103.48
C VAL A 112 -67.75 -1.40 -103.77
N LYS A 113 -68.01 -0.18 -103.31
CA LYS A 113 -69.32 0.44 -103.48
C LYS A 113 -69.46 0.92 -104.91
N GLN A 114 -68.38 1.47 -105.44
CA GLN A 114 -68.31 1.87 -106.83
C GLN A 114 -68.35 0.64 -107.74
N LEU A 115 -67.81 -0.47 -107.25
CA LEU A 115 -67.80 -1.71 -108.01
C LEU A 115 -69.18 -2.30 -108.24
N ARG A 116 -70.00 -2.36 -107.19
CA ARG A 116 -71.36 -2.86 -107.34
C ARG A 116 -72.20 -1.93 -108.22
N ALA A 117 -71.98 -0.63 -108.06
CA ALA A 117 -72.71 0.37 -108.85
C ALA A 117 -72.27 0.42 -110.32
N GLN A 118 -70.96 0.45 -110.55
CA GLN A 118 -70.43 0.58 -111.91
C GLN A 118 -70.82 -0.60 -112.79
N VAL A 119 -70.80 -1.80 -112.21
CA VAL A 119 -71.20 -2.98 -112.96
C VAL A 119 -72.68 -2.91 -113.26
N LYS A 120 -73.44 -2.31 -112.33
CA LYS A 120 -74.87 -2.11 -112.50
C LYS A 120 -75.15 -0.83 -113.29
N GLU A 121 -74.15 0.05 -113.36
CA GLU A 121 -74.27 1.31 -114.10
C GLU A 121 -74.36 1.07 -115.60
N LYS A 122 -73.54 0.16 -116.10
CA LYS A 122 -73.55 -0.15 -117.52
C LYS A 122 -74.81 -0.96 -117.82
N GLN A 123 -75.15 -1.86 -116.90
CA GLN A 123 -76.40 -2.60 -116.97
C GLN A 123 -77.56 -1.62 -116.85
N GLN A 124 -77.34 -0.56 -116.06
CA GLN A 124 -78.30 0.54 -115.89
C GLN A 124 -79.65 0.04 -115.40
N LEU A 161 -71.80 -9.10 -123.03
CA LEU A 161 -72.64 -7.92 -122.85
C LEU A 161 -72.78 -7.64 -121.35
N SER A 162 -73.85 -8.17 -120.78
CA SER A 162 -74.08 -8.06 -119.35
C SER A 162 -72.96 -8.83 -118.68
N ASN A 163 -72.51 -9.87 -119.36
CA ASN A 163 -71.39 -10.70 -118.92
C ASN A 163 -70.10 -9.89 -118.76
N GLU A 164 -69.95 -8.82 -119.54
CA GLU A 164 -68.79 -7.94 -119.37
C GLU A 164 -69.06 -7.01 -118.19
N LEU A 165 -70.33 -6.85 -117.85
CA LEU A 165 -70.71 -6.11 -116.66
C LEU A 165 -70.60 -7.05 -115.46
N THR A 166 -70.81 -8.34 -115.70
CA THR A 166 -70.65 -9.34 -114.65
C THR A 166 -69.17 -9.71 -114.58
N GLU A 167 -68.41 -9.20 -115.54
CA GLU A 167 -66.96 -9.34 -115.54
C GLU A 167 -66.42 -8.33 -114.54
N LEU A 168 -67.27 -7.39 -114.18
CA LEU A 168 -66.98 -6.44 -113.13
C LEU A 168 -67.52 -7.00 -111.83
N LYS A 169 -68.54 -7.86 -111.93
CA LYS A 169 -69.11 -8.55 -110.79
C LYS A 169 -68.06 -9.49 -110.23
N ILE A 170 -67.26 -10.07 -111.12
CA ILE A 170 -66.15 -10.90 -110.73
C ILE A 170 -65.08 -9.99 -110.16
N ALA A 171 -64.92 -8.83 -110.79
CA ALA A 171 -63.95 -7.83 -110.36
C ALA A 171 -64.41 -7.19 -109.06
N ALA A 172 -65.69 -7.35 -108.75
CA ALA A 172 -66.25 -6.83 -107.51
C ALA A 172 -65.70 -7.58 -106.33
N ALA A 173 -65.95 -8.90 -106.29
CA ALA A 173 -65.47 -9.74 -105.20
C ALA A 173 -63.96 -9.83 -105.24
N LYS A 174 -63.38 -9.66 -106.44
CA LYS A 174 -61.94 -9.65 -106.59
C LYS A 174 -61.38 -8.47 -105.81
N LYS A 175 -62.02 -7.31 -105.99
CA LYS A 175 -61.63 -6.12 -105.27
C LYS A 175 -62.18 -6.15 -103.84
N GLU A 176 -63.34 -6.76 -103.67
CA GLU A 176 -63.97 -6.86 -102.35
C GLU A 176 -63.22 -7.80 -101.41
N GLN A 177 -62.88 -8.99 -101.89
CA GLN A 177 -62.22 -9.98 -101.04
C GLN A 177 -60.75 -9.68 -100.80
N ALA A 178 -60.08 -9.12 -101.80
CA ALA A 178 -58.68 -8.76 -101.64
C ALA A 178 -58.54 -7.63 -100.62
N CYS A 179 -59.63 -6.90 -100.43
CA CYS A 179 -59.70 -5.83 -99.45
C CYS A 179 -60.83 -6.06 -98.44
N LYS A 180 -61.12 -7.32 -98.17
CA LYS A 180 -62.00 -7.71 -97.06
C LYS A 180 -61.18 -8.15 -95.86
N GLY A 181 -60.10 -8.86 -96.14
CA GLY A 181 -59.19 -9.35 -95.11
C GLY A 181 -58.38 -8.21 -94.54
N GLU A 182 -57.94 -7.30 -95.39
CA GLU A 182 -57.18 -6.13 -94.95
C GLU A 182 -58.03 -5.28 -94.01
N GLU A 183 -59.35 -5.39 -94.13
CA GLU A 183 -60.25 -4.73 -93.19
C GLU A 183 -60.33 -5.49 -91.87
N ASP A 184 -60.04 -6.79 -91.92
CA ASP A 184 -60.07 -7.64 -90.73
C ASP A 184 -58.69 -7.92 -90.14
N ASN A 185 -57.67 -7.89 -91.00
CA ASN A 185 -56.30 -8.13 -90.54
C ASN A 185 -55.76 -6.99 -89.70
N LEU A 186 -56.09 -5.77 -90.09
CA LEU A 186 -55.65 -4.58 -89.37
C LEU A 186 -56.42 -4.45 -88.07
N ALA A 187 -57.55 -5.13 -87.99
CA ALA A 187 -58.38 -5.13 -86.80
C ALA A 187 -57.65 -5.88 -85.69
N ARG A 188 -56.98 -6.97 -86.06
CA ARG A 188 -56.24 -7.76 -85.09
C ARG A 188 -54.83 -7.20 -84.94
N LEU A 189 -54.44 -6.33 -85.87
CA LEU A 189 -53.15 -5.65 -85.82
C LEU A 189 -53.14 -4.71 -84.62
N LYS A 190 -54.33 -4.23 -84.25
CA LYS A 190 -54.51 -3.38 -83.10
C LYS A 190 -54.28 -4.16 -81.81
N LYS A 191 -54.44 -5.48 -81.87
CA LYS A 191 -54.30 -6.33 -80.69
C LYS A 191 -52.86 -6.39 -80.17
N GLU A 192 -51.89 -6.12 -81.04
CA GLU A 192 -50.49 -6.08 -80.62
C GLU A 192 -50.24 -4.76 -79.91
N LEU A 193 -51.08 -3.77 -80.18
CA LEU A 193 -50.99 -2.47 -79.52
C LEU A 193 -51.80 -2.52 -78.21
N THR A 194 -52.61 -3.57 -78.07
CA THR A 194 -53.33 -3.82 -76.83
C THR A 194 -52.42 -4.49 -75.81
N GLU A 195 -51.22 -4.88 -76.26
CA GLU A 195 -50.24 -5.49 -75.35
C GLU A 195 -49.07 -4.56 -75.04
N THR A 196 -48.65 -3.78 -76.04
CA THR A 196 -47.52 -2.87 -75.89
C THR A 196 -47.79 -1.64 -75.03
N GLU A 197 -48.91 -0.98 -75.26
CA GLU A 197 -49.26 0.24 -74.52
C GLU A 197 -49.43 -0.04 -73.02
N LEU A 198 -49.79 -1.28 -72.71
CA LEU A 198 -49.92 -1.72 -71.32
C LEU A 198 -48.55 -2.08 -70.75
N ALA A 199 -47.67 -2.54 -71.64
CA ALA A 199 -46.31 -2.89 -71.27
C ALA A 199 -45.53 -1.64 -70.87
N LEU A 200 -45.97 -0.50 -71.39
CA LEU A 200 -45.39 0.79 -71.06
C LEU A 200 -45.69 1.12 -69.60
N LYS A 201 -46.67 0.41 -69.03
CA LYS A 201 -47.05 0.57 -67.64
C LYS A 201 -46.34 -0.50 -66.80
N GLU A 202 -45.46 -1.25 -67.46
CA GLU A 202 -44.47 -2.09 -66.80
C GLU A 202 -43.13 -1.36 -66.82
N ALA A 203 -43.17 -0.12 -67.29
CA ALA A 203 -42.03 0.77 -67.25
C ALA A 203 -42.17 1.60 -65.98
N LYS A 204 -43.43 1.86 -65.61
CA LYS A 204 -43.75 2.50 -64.34
C LYS A 204 -43.33 1.55 -63.23
N GLU A 205 -43.36 0.26 -63.56
CA GLU A 205 -42.95 -0.83 -62.69
C GLU A 205 -41.50 -0.66 -62.22
N ASP A 206 -40.68 -0.02 -63.07
CA ASP A 206 -39.28 0.21 -62.74
C ASP A 206 -39.16 1.34 -61.73
N LEU A 207 -39.96 2.39 -61.92
CA LEU A 207 -39.93 3.54 -61.01
C LEU A 207 -40.36 3.12 -59.61
N SER A 208 -41.40 2.31 -59.53
CA SER A 208 -41.92 1.83 -58.26
C SER A 208 -40.84 0.97 -57.60
N PHE A 209 -40.13 0.22 -58.44
CA PHE A 209 -39.06 -0.65 -57.99
C PHE A 209 -37.87 0.20 -57.54
N LEU A 210 -37.59 1.25 -58.30
CA LEU A 210 -36.44 2.12 -58.07
C LEU A 210 -36.49 2.85 -56.73
N THR A 211 -37.66 3.35 -56.36
CA THR A 211 -37.79 4.14 -55.13
C THR A 211 -37.60 3.28 -53.89
N SER A 212 -37.53 1.97 -54.07
CA SER A 212 -37.20 1.05 -52.99
C SER A 212 -35.70 0.75 -53.05
N GLU A 213 -35.04 1.27 -54.07
CA GLU A 213 -33.59 1.21 -54.17
C GLU A 213 -33.02 2.59 -53.84
N SER A 215 -35.03 5.28 -51.32
CA SER A 215 -35.39 5.58 -49.94
C SER A 215 -35.04 4.47 -48.95
N SER A 216 -34.57 3.34 -49.47
CA SER A 216 -34.08 2.27 -48.61
C SER A 216 -32.57 2.39 -48.54
N SER A 217 -31.98 2.94 -49.60
CA SER A 217 -30.56 3.21 -49.62
C SER A 217 -30.23 4.62 -49.14
N THR A 218 -31.01 5.61 -49.58
CA THR A 218 -30.78 6.99 -49.15
C THR A 218 -30.99 7.15 -47.66
N SER A 219 -32.00 6.46 -47.12
CA SER A 219 -32.22 6.47 -45.68
C SER A 219 -31.18 5.58 -45.02
N GLY A 220 -30.60 4.69 -45.81
CA GLY A 220 -29.54 3.81 -45.36
C GLY A 220 -28.16 4.42 -45.50
N GLU A 221 -28.00 5.28 -46.51
CA GLU A 221 -26.71 5.92 -46.75
C GLU A 221 -26.41 6.93 -45.64
N GLU A 222 -27.44 7.61 -45.17
CA GLU A 222 -27.29 8.55 -44.08
C GLU A 222 -27.18 7.74 -42.79
N LYS A 223 -27.56 6.48 -42.87
CA LYS A 223 -27.48 5.58 -41.74
C LYS A 223 -26.14 4.86 -41.72
N LEU A 224 -25.53 4.72 -42.89
CA LEU A 224 -24.23 4.05 -42.96
C LEU A 224 -23.03 4.99 -43.06
N GLU A 225 -22.99 5.80 -44.12
CA GLU A 225 -21.85 6.70 -44.33
C GLU A 225 -21.68 7.78 -43.26
N GLU A 226 -22.77 8.17 -42.62
CA GLU A 226 -22.69 9.10 -41.51
C GLU A 226 -22.01 8.43 -40.33
N ALA A 227 -22.50 7.25 -39.97
CA ALA A 227 -21.97 6.50 -38.84
C ALA A 227 -20.59 5.89 -39.12
N ALA A 228 -20.38 5.39 -40.34
CA ALA A 228 -19.12 4.73 -40.67
C ALA A 228 -17.91 5.65 -40.59
N LYS A 229 -18.10 6.92 -40.94
CA LYS A 229 -17.03 7.89 -40.83
C LYS A 229 -16.88 8.39 -39.40
N HIS A 230 -17.98 8.34 -38.66
CA HIS A 230 -18.03 8.80 -37.28
C HIS A 230 -17.54 7.76 -36.27
N LYS A 231 -17.72 6.48 -36.61
CA LYS A 231 -17.26 5.40 -35.76
C LYS A 231 -15.74 5.24 -35.82
N LEU A 232 -15.14 5.77 -36.87
CA LEU A 232 -13.69 5.69 -37.06
C LEU A 232 -12.88 6.61 -36.17
N ASN A 233 -13.35 7.84 -35.96
CA ASN A 233 -12.61 8.81 -35.16
C ASN A 233 -12.45 8.35 -33.71
N ASP A 234 -13.46 7.66 -33.20
CA ASP A 234 -13.40 7.09 -31.86
C ASP A 234 -12.34 5.98 -31.80
N LYS A 235 -12.22 5.25 -32.90
CA LYS A 235 -11.26 4.16 -33.01
C LYS A 235 -9.82 4.66 -32.98
N THR A 236 -9.54 5.67 -33.81
CA THR A 236 -8.19 6.22 -33.92
C THR A 236 -7.76 6.95 -32.66
N LYS A 237 -8.69 7.71 -32.07
CA LYS A 237 -8.40 8.52 -30.89
C LYS A 237 -8.13 7.64 -29.67
N THR A 238 -8.73 6.45 -29.65
CA THR A 238 -8.54 5.53 -28.54
C THR A 238 -7.13 4.93 -28.63
N ILE A 239 -6.63 4.79 -29.85
CA ILE A 239 -5.29 4.26 -30.08
C ILE A 239 -4.25 5.31 -29.68
N GLU A 240 -4.62 6.58 -29.82
CA GLU A 240 -3.71 7.68 -29.50
C GLU A 240 -3.58 7.86 -27.99
N LEU A 241 -4.63 7.53 -27.25
CA LEU A 241 -4.56 7.56 -25.80
C LEU A 241 -3.57 6.50 -25.33
N ILE A 242 -3.77 5.28 -25.83
CA ILE A 242 -2.91 4.15 -25.50
C ILE A 242 -1.44 4.42 -25.84
N ALA A 243 -1.19 4.93 -27.05
CA ALA A 243 0.16 5.22 -27.50
C ALA A 243 0.85 6.24 -26.60
N LEU A 244 0.08 7.20 -26.11
CA LEU A 244 0.61 8.21 -25.20
C LEU A 244 0.81 7.64 -23.79
N ARG A 245 -0.21 6.97 -23.28
CA ARG A 245 -0.16 6.40 -21.93
C ARG A 245 0.94 5.36 -21.80
N ARG A 246 1.17 4.59 -22.86
CA ARG A 246 2.25 3.61 -22.88
C ARG A 246 3.60 4.32 -22.84
N ASP A 247 3.67 5.45 -23.54
CA ASP A 247 4.89 6.25 -23.57
C ASP A 247 5.03 7.00 -22.26
N GLN A 248 3.88 7.33 -21.65
CA GLN A 248 3.85 8.04 -20.39
C GLN A 248 4.34 7.16 -19.24
N ARG A 249 4.22 5.84 -19.43
CA ARG A 249 4.59 4.90 -18.37
C ARG A 249 6.01 4.38 -18.56
N ILE A 250 6.49 4.35 -19.80
CA ILE A 250 7.85 3.89 -20.09
C ILE A 250 8.85 4.91 -19.57
N LYS A 251 8.39 6.14 -19.39
CA LYS A 251 9.22 7.22 -18.87
C LYS A 251 9.35 7.07 -17.37
N LEU A 252 8.38 6.36 -16.78
CA LEU A 252 8.38 6.09 -15.36
C LEU A 252 9.03 4.72 -15.14
N GLN A 253 8.89 3.84 -16.12
CA GLN A 253 9.51 2.53 -16.05
C GLN A 253 11.02 2.67 -16.25
N HIS A 254 11.43 3.74 -16.93
CA HIS A 254 12.84 4.10 -17.04
C HIS A 254 13.27 4.85 -15.80
N GLY A 255 12.30 5.49 -15.14
CA GLY A 255 12.56 6.17 -13.90
C GLY A 255 12.75 5.09 -12.85
N LEU A 256 11.92 4.06 -12.95
CA LEU A 256 11.98 2.93 -12.03
C LEU A 256 13.28 2.13 -12.20
N ASP A 257 13.84 2.16 -13.42
CA ASP A 257 15.10 1.46 -13.68
C ASP A 257 16.22 2.06 -12.86
N THR A 258 16.22 3.39 -12.76
CA THR A 258 17.21 4.11 -11.98
C THR A 258 16.95 3.96 -10.50
N TYR A 259 15.70 4.18 -10.10
CA TYR A 259 15.30 4.14 -8.68
C TYR A 259 15.54 2.78 -8.04
N GLU A 260 15.30 1.71 -8.77
CA GLU A 260 15.44 0.36 -8.23
C GLU A 260 16.90 -0.04 -8.05
N ARG A 261 17.77 0.54 -8.85
CA ARG A 261 19.21 0.27 -8.73
C ARG A 261 19.86 1.12 -7.63
N GLU A 262 19.40 2.36 -7.49
CA GLU A 262 19.93 3.27 -6.48
C GLU A 262 19.75 2.70 -5.08
N LEU A 263 18.71 1.87 -4.90
CA LEU A 263 18.42 1.27 -3.61
C LEU A 263 19.40 0.14 -3.29
N LYS A 264 19.83 -0.58 -4.32
CA LYS A 264 20.71 -1.72 -4.15
C LYS A 264 22.03 -1.30 -3.50
N GLU A 265 22.44 -0.06 -3.73
CA GLU A 265 23.64 0.51 -3.10
C GLU A 265 23.31 1.09 -1.74
N LYS A 267 21.16 0.13 0.18
CA LYS A 267 21.04 -1.02 1.06
C LYS A 267 22.34 -1.82 1.13
N ARG A 268 23.33 -1.48 0.31
CA ARG A 268 24.63 -2.14 0.39
C ARG A 268 25.65 -1.36 1.21
N LEU A 269 25.74 -0.05 0.98
CA LEU A 269 26.70 0.78 1.72
C LEU A 269 26.31 0.81 3.19
N TYR A 270 25.01 0.84 3.45
CA TYR A 270 24.51 0.81 4.81
C TYR A 270 24.80 -0.56 5.42
N LYS A 271 24.66 -1.59 4.60
CA LYS A 271 24.92 -2.96 5.05
C LYS A 271 26.40 -3.22 5.26
N GLN A 272 27.24 -2.64 4.40
CA GLN A 272 28.69 -2.81 4.52
C GLN A 272 29.28 -1.93 5.62
N LYS A 273 28.56 -0.88 6.01
CA LYS A 273 29.02 -0.02 7.09
C LYS A 273 28.49 -0.54 8.41
N THR A 274 27.38 -1.25 8.36
CA THR A 274 26.79 -1.85 9.55
C THR A 274 27.62 -3.02 10.02
N THR A 275 28.35 -3.64 9.08
CA THR A 275 29.24 -4.75 9.41
C THR A 275 30.60 -4.21 9.82
N LEU A 276 30.85 -2.94 9.53
CA LEU A 276 32.09 -2.29 9.94
C LEU A 276 32.09 -2.02 11.45
N LEU A 277 31.25 -1.10 11.89
CA LEU A 277 31.18 -0.76 13.31
C LEU A 277 30.42 -1.84 14.07
N ALA B 10 24.53 -14.74 20.44
CA ALA B 10 23.56 -13.65 20.41
C ALA B 10 23.35 -13.10 19.01
N LYS B 11 24.43 -13.04 18.23
CA LYS B 11 24.34 -12.56 16.86
C LYS B 11 24.00 -13.69 15.91
N GLU B 12 24.29 -14.92 16.34
CA GLU B 12 24.03 -16.10 15.51
C GLU B 12 22.55 -16.23 15.19
N GLU B 13 21.71 -15.69 16.07
CA GLU B 13 20.26 -15.69 15.84
C GLU B 13 19.75 -14.26 15.69
N GLU B 14 20.68 -13.33 15.51
CA GLU B 14 20.34 -11.99 15.06
C GLU B 14 20.13 -12.03 13.55
N LEU B 15 21.07 -12.66 12.86
CA LEU B 15 21.05 -12.75 11.41
C LEU B 15 20.21 -13.91 10.88
N ALA B 16 20.16 -15.01 11.62
CA ALA B 16 19.43 -16.18 11.17
C ALA B 16 17.93 -15.92 11.13
N GLU B 17 17.49 -14.87 11.81
CA GLU B 17 16.11 -14.43 11.71
C GLU B 17 15.97 -13.37 10.63
N SER B 18 16.99 -12.53 10.49
CA SER B 18 16.97 -11.47 9.47
C SER B 18 17.39 -11.99 8.10
N SER B 19 17.93 -13.21 8.05
CA SER B 19 18.29 -13.82 6.78
C SER B 19 17.04 -14.20 6.02
N ALA B 20 16.01 -14.58 6.76
CA ALA B 20 14.73 -14.96 6.18
C ALA B 20 14.00 -13.75 5.62
N ILE B 21 14.27 -12.58 6.21
CA ILE B 21 13.69 -11.34 5.74
C ILE B 21 14.15 -11.05 4.32
N SER B 22 15.41 -11.37 4.04
CA SER B 22 15.97 -11.22 2.70
C SER B 22 15.30 -12.19 1.74
N ALA B 23 14.95 -13.37 2.24
CA ALA B 23 14.33 -14.41 1.42
C ALA B 23 12.94 -14.02 0.94
N LYS B 24 12.12 -13.47 1.85
CA LYS B 24 10.77 -13.07 1.51
C LYS B 24 10.82 -11.89 0.55
N GLU B 25 11.78 -10.98 0.78
CA GLU B 25 11.95 -9.83 -0.07
C GLU B 25 12.50 -10.24 -1.44
N ALA B 26 13.04 -11.46 -1.51
CA ALA B 26 13.55 -12.00 -2.75
C ALA B 26 12.46 -12.73 -3.51
N LYS B 27 11.58 -13.38 -2.76
CA LYS B 27 10.45 -14.11 -3.35
C LYS B 27 9.47 -13.12 -3.98
N ILE B 28 9.47 -11.88 -3.50
CA ILE B 28 8.61 -10.83 -4.02
C ILE B 28 9.00 -10.40 -5.43
N GLU B 29 10.25 -9.98 -5.61
CA GLU B 29 10.69 -9.48 -6.92
C GLU B 29 10.66 -10.60 -7.95
N ASP B 30 10.65 -11.84 -7.47
CA ASP B 30 10.48 -13.01 -8.33
C ASP B 30 9.01 -13.17 -8.67
N THR B 31 8.15 -12.73 -7.75
CA THR B 31 6.71 -12.86 -7.92
C THR B 31 6.12 -11.75 -8.79
N ARG B 32 6.61 -10.52 -8.61
CA ARG B 32 6.15 -9.43 -9.46
C ARG B 32 6.67 -9.58 -10.90
N ASP B 33 7.77 -10.31 -11.06
CA ASP B 33 8.30 -10.59 -12.39
C ASP B 33 7.67 -11.86 -12.92
N LYS B 34 6.81 -12.45 -12.11
CA LYS B 34 6.00 -13.57 -12.55
C LYS B 34 4.70 -12.97 -13.07
N ILE B 35 4.31 -11.85 -12.46
CA ILE B 35 3.12 -11.13 -12.89
C ILE B 35 3.40 -10.36 -14.17
N GLN B 36 4.60 -9.78 -14.27
CA GLN B 36 4.98 -8.94 -15.42
C GLN B 36 4.99 -9.75 -16.71
N ALA B 37 5.10 -11.06 -16.56
CA ALA B 37 5.03 -11.98 -17.70
C ALA B 37 3.61 -12.09 -18.25
N LEU B 38 2.62 -11.91 -17.37
CA LEU B 38 1.23 -12.09 -17.77
C LEU B 38 0.58 -10.76 -18.12
N ASP B 39 1.12 -9.65 -17.61
CA ASP B 39 0.68 -8.34 -18.06
C ASP B 39 1.35 -8.04 -19.40
N GLU B 40 2.24 -8.91 -19.82
CA GLU B 40 2.91 -8.79 -21.11
C GLU B 40 2.46 -9.86 -22.10
N SER B 41 1.96 -10.98 -21.56
CA SER B 41 1.38 -12.01 -22.40
C SER B 41 0.00 -11.56 -22.89
N VAL B 42 -0.82 -11.08 -21.94
CA VAL B 42 -2.14 -10.55 -22.23
C VAL B 42 -2.06 -9.38 -23.19
N ASP B 43 -1.14 -8.46 -22.90
CA ASP B 43 -0.95 -7.27 -23.73
C ASP B 43 -0.61 -7.67 -25.16
N GLU B 44 0.20 -8.70 -25.30
CA GLU B 44 0.55 -9.22 -26.62
C GLU B 44 -0.66 -9.92 -27.22
N LEU B 45 -1.43 -10.56 -26.36
CA LEU B 45 -2.60 -11.34 -26.77
C LEU B 45 -3.84 -10.50 -27.09
N GLN B 46 -4.01 -9.38 -26.38
CA GLN B 46 -5.20 -8.55 -26.56
C GLN B 46 -5.22 -7.78 -27.89
N GLN B 47 -4.04 -7.58 -28.49
CA GLN B 47 -3.96 -6.91 -29.79
C GLN B 47 -3.96 -7.91 -30.94
N VAL B 48 -3.62 -9.17 -30.63
CA VAL B 48 -3.74 -10.25 -31.60
C VAL B 48 -5.22 -10.56 -31.76
N LEU B 49 -5.92 -10.66 -30.63
CA LEU B 49 -7.37 -10.90 -30.64
C LEU B 49 -8.09 -9.84 -31.44
N LEU B 50 -7.61 -8.60 -31.33
CA LEU B 50 -8.15 -7.46 -32.08
C LEU B 50 -8.10 -7.75 -33.58
N VAL B 51 -6.94 -8.21 -34.05
CA VAL B 51 -6.74 -8.52 -35.47
C VAL B 51 -7.64 -9.67 -35.92
N THR B 52 -7.70 -10.73 -35.13
CA THR B 52 -8.52 -11.89 -35.48
C THR B 52 -9.99 -11.47 -35.47
N SER B 53 -10.33 -10.61 -34.53
CA SER B 53 -11.70 -10.11 -34.41
C SER B 53 -12.04 -9.21 -35.58
N GLU B 54 -11.06 -8.43 -36.06
CA GLU B 54 -11.32 -7.52 -37.15
C GLU B 54 -11.53 -8.28 -38.47
N GLU B 55 -10.75 -9.35 -38.68
CA GLU B 55 -10.83 -10.11 -39.91
C GLU B 55 -12.16 -10.88 -39.98
N LEU B 56 -12.66 -11.28 -38.82
CA LEU B 56 -13.89 -12.05 -38.73
C LEU B 56 -15.08 -11.22 -39.21
N GLU B 57 -15.19 -10.00 -38.68
CA GLU B 57 -16.33 -9.15 -39.02
C GLU B 57 -16.18 -8.53 -40.41
N LYS B 58 -15.05 -8.78 -41.05
CA LYS B 58 -14.91 -8.50 -42.48
C LYS B 58 -15.48 -9.65 -43.28
N LEU B 59 -15.22 -10.87 -42.79
CA LEU B 59 -15.69 -12.07 -43.46
C LEU B 59 -17.19 -12.23 -43.33
N GLU B 60 -17.72 -11.98 -42.13
CA GLU B 60 -19.14 -12.16 -41.88
C GLU B 60 -19.95 -11.11 -42.61
N GLY B 61 -19.33 -9.98 -42.90
CA GLY B 61 -19.95 -8.94 -43.70
C GLY B 61 -19.82 -9.21 -45.18
N ARG B 62 -18.64 -9.64 -45.60
CA ARG B 62 -18.37 -9.99 -47.00
C ARG B 62 -19.20 -11.21 -47.41
N LYS B 63 -19.56 -12.03 -46.43
CA LYS B 63 -20.38 -13.20 -46.67
C LYS B 63 -21.84 -12.77 -46.86
N GLU B 64 -22.16 -11.59 -46.36
CA GLU B 64 -23.52 -11.05 -46.44
C GLU B 64 -23.83 -10.33 -47.75
N VAL B 65 -22.80 -9.79 -48.41
CA VAL B 65 -23.01 -9.15 -49.71
C VAL B 65 -23.38 -10.24 -50.72
N LEU B 66 -22.68 -11.37 -50.66
CA LEU B 66 -22.97 -12.51 -51.52
C LEU B 66 -24.34 -13.06 -51.18
N LYS B 67 -24.77 -12.84 -49.94
CA LYS B 67 -26.08 -13.25 -49.50
C LYS B 67 -27.14 -12.35 -50.11
N GLU B 68 -26.75 -11.11 -50.40
CA GLU B 68 -27.63 -10.17 -51.07
C GLU B 68 -27.55 -10.34 -52.58
N ARG B 69 -26.38 -10.73 -53.07
CA ARG B 69 -26.16 -10.92 -54.50
C ARG B 69 -26.77 -12.25 -54.94
N LYS B 70 -26.87 -13.18 -54.00
CA LYS B 70 -27.52 -14.46 -54.27
C LYS B 70 -29.02 -14.18 -54.31
N LYS B 71 -29.47 -13.35 -53.38
CA LYS B 71 -30.87 -12.98 -53.28
C LYS B 71 -31.27 -12.10 -54.48
N ASN B 72 -30.27 -11.67 -55.24
CA ASN B 72 -30.49 -10.92 -56.47
C ASN B 72 -30.51 -11.82 -57.70
N ALA B 73 -29.84 -12.96 -57.60
CA ALA B 73 -29.82 -13.92 -58.69
C ALA B 73 -31.14 -14.69 -58.74
N VAL B 74 -31.69 -14.95 -57.56
CA VAL B 74 -32.99 -15.63 -57.44
C VAL B 74 -34.06 -14.72 -58.05
N GLN B 75 -33.85 -13.41 -57.92
CA GLN B 75 -34.76 -12.42 -58.49
C GLN B 75 -34.59 -12.35 -60.00
N ASN B 76 -33.44 -12.82 -60.48
CA ASN B 76 -33.17 -12.88 -61.91
C ASN B 76 -33.54 -14.23 -62.50
N GLN B 77 -33.50 -15.26 -61.67
CA GLN B 77 -33.88 -16.61 -62.09
C GLN B 77 -35.39 -16.71 -62.25
N GLU B 78 -36.12 -16.20 -61.27
CA GLU B 78 -37.58 -16.21 -61.30
C GLU B 78 -38.16 -15.38 -62.45
N GLN B 79 -37.39 -14.40 -62.91
CA GLN B 79 -37.85 -13.54 -64.00
C GLN B 79 -37.77 -14.21 -65.37
N LEU B 80 -36.66 -14.89 -65.64
CA LEU B 80 -36.46 -15.54 -66.92
C LEU B 80 -37.19 -16.88 -67.04
N GLU B 81 -37.30 -17.59 -65.92
CA GLU B 81 -37.99 -18.88 -65.89
C GLU B 81 -39.46 -18.71 -66.25
N GLU B 82 -40.02 -17.55 -65.89
CA GLU B 82 -41.38 -17.21 -66.28
C GLU B 82 -41.43 -16.95 -67.78
N ALA B 83 -40.44 -16.21 -68.28
CA ALA B 83 -40.36 -15.90 -69.70
C ALA B 83 -40.04 -17.15 -70.50
N ILE B 84 -39.23 -18.02 -69.92
CA ILE B 84 -38.89 -19.29 -70.54
C ILE B 84 -40.13 -20.16 -70.67
N VAL B 85 -41.01 -20.06 -69.66
CA VAL B 85 -42.27 -20.79 -69.66
C VAL B 85 -43.27 -20.09 -70.56
N GLN B 86 -43.21 -18.76 -70.58
CA GLN B 86 -44.14 -17.95 -71.37
C GLN B 86 -43.88 -18.13 -72.86
N PHE B 87 -42.62 -18.27 -73.23
CA PHE B 87 -42.24 -18.45 -74.62
C PHE B 87 -42.58 -19.86 -75.08
N GLN B 88 -42.39 -20.85 -74.20
CA GLN B 88 -42.76 -22.22 -74.52
C GLN B 88 -44.27 -22.28 -74.66
N GLN B 89 -44.95 -21.40 -73.95
CA GLN B 89 -46.40 -21.28 -74.04
C GLN B 89 -46.73 -20.58 -75.35
N LYS B 90 -45.89 -19.61 -75.70
CA LYS B 90 -46.07 -18.85 -76.94
C LYS B 90 -45.65 -19.65 -78.17
N GLU B 91 -44.59 -20.44 -78.05
CA GLU B 91 -44.09 -21.21 -79.17
C GLU B 91 -45.05 -22.30 -79.62
N THR B 92 -45.68 -22.97 -78.67
CA THR B 92 -46.65 -24.02 -78.99
C THR B 92 -47.90 -23.44 -79.63
N VAL B 93 -48.22 -22.19 -79.28
CA VAL B 93 -49.41 -21.53 -79.81
C VAL B 93 -49.19 -21.05 -81.24
N LEU B 94 -48.04 -20.42 -81.48
CA LEU B 94 -47.74 -19.87 -82.79
C LEU B 94 -47.66 -20.96 -83.84
N LYS B 95 -47.00 -22.05 -83.50
CA LYS B 95 -46.86 -23.18 -84.41
C LYS B 95 -48.21 -23.87 -84.62
N GLU B 96 -49.07 -23.79 -83.61
CA GLU B 96 -50.41 -24.36 -83.67
C GLU B 96 -51.35 -23.57 -84.57
N GLU B 97 -51.31 -22.26 -84.45
CA GLU B 97 -52.20 -21.40 -85.22
C GLU B 97 -51.90 -21.49 -86.70
N LEU B 98 -50.62 -21.42 -87.07
CA LEU B 98 -50.22 -21.47 -88.46
C LEU B 98 -50.64 -22.78 -89.12
N SER B 99 -50.48 -23.88 -88.39
CA SER B 99 -50.87 -25.20 -88.86
C SER B 99 -52.38 -25.33 -88.98
N LYS B 100 -53.09 -24.71 -88.05
CA LYS B 100 -54.54 -24.76 -88.04
C LYS B 100 -55.07 -23.97 -89.23
N GLN B 101 -54.39 -22.87 -89.55
CA GLN B 101 -54.77 -22.07 -90.70
C GLN B 101 -54.20 -22.72 -91.96
N GLU B 102 -53.22 -23.60 -91.77
CA GLU B 102 -52.61 -24.33 -92.88
C GLU B 102 -53.54 -25.41 -93.39
N ALA B 103 -54.41 -25.91 -92.51
CA ALA B 103 -55.40 -26.89 -92.94
C ALA B 103 -56.40 -26.17 -93.83
N VAL B 104 -56.68 -24.92 -93.48
CA VAL B 104 -57.51 -24.07 -94.31
C VAL B 104 -56.74 -23.73 -95.58
N PHE B 105 -55.44 -23.53 -95.43
CA PHE B 105 -54.53 -23.26 -96.54
C PHE B 105 -54.40 -24.47 -97.46
N GLU B 106 -54.48 -25.67 -96.89
CA GLU B 106 -54.35 -26.89 -97.67
C GLU B 106 -55.51 -27.01 -98.66
N THR B 107 -56.73 -26.84 -98.15
CA THR B 107 -57.93 -26.90 -98.98
C THR B 107 -57.97 -25.71 -99.93
N LEU B 108 -57.30 -24.63 -99.55
CA LEU B 108 -57.28 -23.38 -100.32
C LEU B 108 -56.68 -23.54 -101.71
N GLN B 109 -55.48 -24.09 -101.78
CA GLN B 109 -54.76 -24.20 -103.05
C GLN B 109 -55.32 -25.32 -103.92
N ALA B 110 -56.27 -26.06 -103.37
CA ALA B 110 -56.98 -27.11 -104.10
C ALA B 110 -58.15 -26.58 -104.94
N GLU B 111 -58.69 -25.43 -104.57
CA GLU B 111 -59.90 -24.91 -105.22
C GLU B 111 -59.74 -24.16 -106.54
N VAL B 112 -58.58 -23.54 -106.79
CA VAL B 112 -58.41 -22.82 -108.05
C VAL B 112 -58.31 -23.80 -109.21
N LYS B 113 -57.77 -24.99 -108.96
CA LYS B 113 -57.61 -25.99 -110.00
C LYS B 113 -58.96 -26.63 -110.24
N GLN B 114 -59.71 -26.82 -109.16
CA GLN B 114 -61.08 -27.30 -109.25
C GLN B 114 -61.93 -26.24 -109.92
N LEU B 115 -61.60 -24.98 -109.67
CA LEU B 115 -62.24 -23.87 -110.36
C LEU B 115 -61.81 -23.94 -111.82
N ARG B 116 -60.51 -24.17 -112.01
CA ARG B 116 -59.94 -24.34 -113.34
C ARG B 116 -60.55 -25.57 -113.99
N ALA B 117 -60.85 -26.58 -113.17
CA ALA B 117 -61.51 -27.78 -113.67
C ALA B 117 -62.95 -27.41 -114.02
N GLN B 118 -63.59 -26.68 -113.13
CA GLN B 118 -64.98 -26.26 -113.32
C GLN B 118 -65.10 -25.36 -114.55
N VAL B 119 -64.15 -24.45 -114.70
CA VAL B 119 -64.12 -23.55 -115.85
C VAL B 119 -63.79 -24.35 -117.12
N LYS B 120 -63.07 -25.45 -116.95
CA LYS B 120 -62.72 -26.32 -118.08
C LYS B 120 -63.89 -27.24 -118.42
N GLU B 121 -64.81 -27.41 -117.48
CA GLU B 121 -66.01 -28.18 -117.75
C GLU B 121 -66.89 -27.39 -118.70
N LYS B 122 -67.05 -26.10 -118.40
CA LYS B 122 -67.83 -25.20 -119.22
C LYS B 122 -67.07 -24.79 -120.47
N LEU B 161 -75.70 -21.34 -119.49
CA LEU B 161 -75.47 -20.27 -120.46
C LEU B 161 -74.47 -19.29 -119.85
N SER B 162 -74.22 -18.17 -120.51
CA SER B 162 -73.25 -17.18 -120.06
C SER B 162 -73.56 -16.63 -118.67
N ASN B 163 -74.83 -16.50 -118.33
CA ASN B 163 -75.21 -16.04 -117.00
C ASN B 163 -74.68 -17.01 -115.94
N GLU B 164 -74.74 -18.30 -116.27
CA GLU B 164 -74.12 -19.34 -115.44
C GLU B 164 -72.66 -19.59 -115.79
N LEU B 165 -72.18 -19.01 -116.88
CA LEU B 165 -70.76 -19.12 -117.18
C LEU B 165 -69.96 -18.09 -116.38
N THR B 166 -70.56 -16.94 -116.12
CA THR B 166 -69.91 -15.86 -115.36
C THR B 166 -70.07 -15.90 -113.82
N GLU B 167 -70.94 -16.77 -113.31
CA GLU B 167 -71.16 -16.85 -111.86
C GLU B 167 -70.06 -17.65 -111.16
N LEU B 168 -69.28 -18.36 -111.94
CA LEU B 168 -68.13 -19.11 -111.43
C LEU B 168 -66.92 -18.20 -111.49
N LYS B 169 -66.99 -17.21 -112.37
CA LYS B 169 -65.93 -16.22 -112.51
C LYS B 169 -65.83 -15.41 -111.23
N ILE B 170 -66.98 -15.17 -110.59
CA ILE B 170 -67.01 -14.46 -109.32
C ILE B 170 -66.49 -15.36 -108.21
N ALA B 171 -66.88 -16.63 -108.24
CA ALA B 171 -66.44 -17.59 -107.22
C ALA B 171 -64.96 -17.91 -107.40
N ALA B 172 -64.44 -17.59 -108.58
CA ALA B 172 -63.04 -17.79 -108.88
C ALA B 172 -62.21 -16.82 -108.06
N ALA B 173 -62.48 -15.53 -108.23
CA ALA B 173 -61.76 -14.47 -107.54
C ALA B 173 -61.99 -14.50 -106.04
N LYS B 174 -63.11 -15.07 -105.62
CA LYS B 174 -63.41 -15.20 -104.20
C LYS B 174 -62.34 -16.02 -103.50
N LYS B 175 -62.02 -17.18 -104.09
CA LYS B 175 -60.96 -18.04 -103.57
C LYS B 175 -59.57 -17.57 -104.00
N GLU B 176 -59.51 -16.95 -105.18
CA GLU B 176 -58.25 -16.47 -105.73
C GLU B 176 -57.66 -15.33 -104.92
N GLN B 177 -58.50 -14.37 -104.56
CA GLN B 177 -58.04 -13.22 -103.77
C GLN B 177 -57.82 -13.66 -102.33
N ALA B 178 -58.66 -14.59 -101.89
CA ALA B 178 -58.56 -15.14 -100.53
C ALA B 178 -57.28 -15.94 -100.33
N CYS B 179 -56.63 -16.35 -101.42
CA CYS B 179 -55.40 -17.10 -101.30
C CYS B 179 -54.27 -16.23 -101.88
N LYS B 180 -54.50 -14.92 -101.80
CA LYS B 180 -53.43 -13.95 -101.98
C LYS B 180 -53.04 -13.45 -100.60
N GLY B 181 -54.05 -13.25 -99.78
CA GLY B 181 -53.89 -12.80 -98.40
C GLY B 181 -53.44 -13.88 -97.44
N GLU B 182 -53.98 -15.09 -97.62
CA GLU B 182 -53.62 -16.22 -96.76
C GLU B 182 -52.14 -16.56 -96.87
N GLU B 183 -51.54 -16.18 -97.99
CA GLU B 183 -50.10 -16.33 -98.18
C GLU B 183 -49.34 -15.28 -97.38
N ASP B 184 -50.02 -14.18 -97.04
CA ASP B 184 -49.42 -13.10 -96.29
C ASP B 184 -49.72 -13.22 -94.79
N ASN B 185 -50.84 -13.86 -94.47
CA ASN B 185 -51.19 -14.08 -93.06
C ASN B 185 -50.23 -15.11 -92.48
N LEU B 186 -49.91 -16.13 -93.27
CA LEU B 186 -48.98 -17.17 -92.85
C LEU B 186 -47.55 -16.64 -92.91
N ALA B 187 -47.36 -15.56 -93.66
CA ALA B 187 -46.05 -14.92 -93.79
C ALA B 187 -45.60 -14.24 -92.51
N ARG B 188 -46.54 -13.59 -91.81
CA ARG B 188 -46.22 -12.88 -90.59
C ARG B 188 -46.28 -13.79 -89.36
N LEU B 189 -46.97 -14.92 -89.47
CA LEU B 189 -47.02 -15.88 -88.38
C LEU B 189 -45.67 -16.56 -88.19
N LYS B 190 -44.97 -16.80 -89.29
CA LYS B 190 -43.65 -17.40 -89.23
C LYS B 190 -42.62 -16.40 -88.73
N LYS B 191 -42.87 -15.12 -88.97
CA LYS B 191 -41.94 -14.08 -88.55
C LYS B 191 -41.96 -13.86 -87.04
N GLU B 192 -43.10 -14.16 -86.42
CA GLU B 192 -43.23 -14.03 -84.98
C GLU B 192 -42.61 -15.21 -84.26
N LEU B 193 -42.55 -16.35 -84.95
CA LEU B 193 -41.89 -17.52 -84.39
C LEU B 193 -40.43 -17.44 -84.78
N THR B 194 -40.15 -16.59 -85.75
CA THR B 194 -38.78 -16.23 -86.09
C THR B 194 -38.36 -15.15 -85.12
N GLU B 195 -39.33 -14.66 -84.37
CA GLU B 195 -39.11 -13.65 -83.34
C GLU B 195 -39.24 -14.27 -81.95
N THR B 196 -40.16 -15.21 -81.78
CA THR B 196 -40.37 -15.85 -80.48
C THR B 196 -39.22 -16.80 -80.14
N GLU B 197 -38.85 -17.64 -81.11
CA GLU B 197 -37.75 -18.57 -80.90
C GLU B 197 -36.44 -17.81 -80.72
N LEU B 198 -36.38 -16.61 -81.28
CA LEU B 198 -35.21 -15.77 -81.14
C LEU B 198 -35.26 -15.06 -79.79
N ALA B 199 -36.48 -14.77 -79.34
CA ALA B 199 -36.66 -14.15 -78.03
C ALA B 199 -36.35 -15.15 -76.93
N LEU B 200 -36.58 -16.43 -77.21
CA LEU B 200 -36.30 -17.47 -76.22
C LEU B 200 -34.80 -17.68 -76.03
N LYS B 201 -34.01 -17.37 -77.06
CA LYS B 201 -32.56 -17.47 -76.95
C LYS B 201 -32.00 -16.07 -76.73
N GLU B 202 -32.91 -15.11 -76.58
CA GLU B 202 -32.57 -13.82 -76.02
C GLU B 202 -33.02 -13.89 -74.56
N ALA B 203 -33.65 -15.02 -74.23
CA ALA B 203 -34.00 -15.35 -72.86
C ALA B 203 -33.07 -16.42 -72.30
N LYS B 204 -32.70 -17.38 -73.15
CA LYS B 204 -31.77 -18.44 -72.79
C LYS B 204 -30.35 -17.93 -72.55
N GLU B 205 -29.98 -16.86 -73.26
CA GLU B 205 -28.67 -16.25 -73.11
C GLU B 205 -28.45 -15.81 -71.66
N ASP B 206 -29.52 -15.40 -71.01
CA ASP B 206 -29.48 -14.96 -69.62
C ASP B 206 -29.50 -16.13 -68.64
N LEU B 207 -30.32 -17.14 -68.93
CA LEU B 207 -30.48 -18.28 -68.03
C LEU B 207 -29.21 -19.13 -67.87
N SER B 208 -28.56 -19.46 -68.99
CA SER B 208 -27.39 -20.33 -68.95
C SER B 208 -26.18 -19.74 -68.23
N PHE B 209 -25.92 -18.45 -68.44
CA PHE B 209 -24.76 -17.80 -67.83
C PHE B 209 -25.00 -17.58 -66.33
N LEU B 210 -26.20 -17.12 -65.99
CA LEU B 210 -26.53 -16.79 -64.61
C LEU B 210 -26.56 -18.03 -63.72
N THR B 211 -27.16 -19.12 -64.20
CA THR B 211 -27.34 -20.33 -63.41
C THR B 211 -26.02 -21.08 -63.19
N SER B 212 -24.97 -20.69 -63.91
CA SER B 212 -23.64 -21.26 -63.67
C SER B 212 -22.84 -20.34 -62.77
N GLU B 213 -23.40 -19.19 -62.46
CA GLU B 213 -22.84 -18.28 -61.46
C GLU B 213 -23.69 -18.39 -60.19
N SER B 215 -24.12 -21.50 -58.86
CA SER B 215 -23.61 -22.70 -58.19
C SER B 215 -22.09 -22.82 -58.24
N SER B 216 -21.44 -21.94 -59.00
CA SER B 216 -19.98 -21.90 -59.03
C SER B 216 -19.51 -20.78 -58.10
N SER B 217 -20.38 -19.79 -57.92
CA SER B 217 -20.15 -18.69 -57.00
C SER B 217 -20.67 -19.10 -55.63
N THR B 218 -21.78 -19.85 -55.61
CA THR B 218 -22.37 -20.37 -54.39
C THR B 218 -21.35 -21.27 -53.69
N SER B 219 -20.52 -21.93 -54.51
CA SER B 219 -19.43 -22.78 -54.04
C SER B 219 -18.30 -21.95 -53.42
N GLY B 220 -18.34 -20.64 -53.66
CA GLY B 220 -17.33 -19.74 -53.12
C GLY B 220 -17.62 -19.39 -51.68
N GLU B 221 -18.89 -19.44 -51.30
CA GLU B 221 -19.30 -19.17 -49.93
C GLU B 221 -18.77 -20.26 -49.01
N GLU B 222 -18.70 -21.49 -49.53
CA GLU B 222 -18.23 -22.63 -48.74
C GLU B 222 -16.72 -22.58 -48.54
N LYS B 223 -16.05 -21.71 -49.29
CA LYS B 223 -14.61 -21.51 -49.15
C LYS B 223 -14.40 -20.40 -48.14
N LEU B 224 -15.44 -19.57 -47.98
CA LEU B 224 -15.41 -18.45 -47.07
C LEU B 224 -16.07 -18.83 -45.75
N GLU B 225 -17.29 -19.37 -45.81
CA GLU B 225 -18.04 -19.74 -44.62
C GLU B 225 -17.29 -20.80 -43.81
N GLU B 226 -16.45 -21.59 -44.47
CA GLU B 226 -15.56 -22.51 -43.77
C GLU B 226 -14.47 -21.74 -43.03
N ALA B 227 -13.82 -20.84 -43.76
CA ALA B 227 -12.72 -20.05 -43.22
C ALA B 227 -13.25 -19.07 -42.18
N ALA B 228 -14.43 -18.53 -42.45
CA ALA B 228 -15.06 -17.57 -41.54
C ALA B 228 -15.34 -18.26 -40.21
N LYS B 229 -15.59 -19.56 -40.27
CA LYS B 229 -15.81 -20.34 -39.06
C LYS B 229 -14.48 -20.66 -38.38
N HIS B 230 -13.41 -20.70 -39.15
CA HIS B 230 -12.08 -20.95 -38.62
C HIS B 230 -11.44 -19.69 -38.06
N LYS B 231 -11.82 -18.54 -38.61
CA LYS B 231 -11.31 -17.28 -38.10
C LYS B 231 -11.97 -16.96 -36.77
N LEU B 232 -13.14 -17.55 -36.54
CA LEU B 232 -13.85 -17.38 -35.28
C LEU B 232 -13.23 -18.24 -34.17
N ASN B 233 -12.88 -19.47 -34.52
CA ASN B 233 -12.30 -20.39 -33.54
C ASN B 233 -10.97 -19.88 -33.02
N ASP B 234 -10.21 -19.25 -33.91
CA ASP B 234 -8.95 -18.61 -33.54
C ASP B 234 -9.20 -17.45 -32.60
N LYS B 235 -10.32 -16.76 -32.82
CA LYS B 235 -10.71 -15.63 -31.98
C LYS B 235 -11.02 -16.09 -30.57
N THR B 236 -11.85 -17.12 -30.45
CA THR B 236 -12.28 -17.64 -29.15
C THR B 236 -11.13 -18.30 -28.39
N LYS B 237 -10.27 -19.02 -29.10
CA LYS B 237 -9.17 -19.73 -28.47
C LYS B 237 -8.16 -18.74 -27.89
N THR B 238 -8.09 -17.57 -28.51
CA THR B 238 -7.22 -16.49 -28.06
C THR B 238 -7.81 -15.85 -26.80
N ILE B 239 -9.14 -15.86 -26.71
CA ILE B 239 -9.85 -15.28 -25.56
C ILE B 239 -9.69 -16.13 -24.29
N GLU B 240 -9.55 -17.45 -24.47
CA GLU B 240 -9.43 -18.35 -23.34
C GLU B 240 -8.05 -18.27 -22.69
N LEU B 241 -7.05 -17.90 -23.47
CA LEU B 241 -5.71 -17.69 -22.94
C LEU B 241 -5.79 -16.51 -21.97
N ILE B 242 -6.35 -15.41 -22.46
CA ILE B 242 -6.55 -14.19 -21.70
C ILE B 242 -7.38 -14.45 -20.44
N ALA B 243 -8.46 -15.20 -20.59
CA ALA B 243 -9.33 -15.54 -19.46
C ALA B 243 -8.55 -16.32 -18.41
N LEU B 244 -7.60 -17.14 -18.85
CA LEU B 244 -6.75 -17.88 -17.94
C LEU B 244 -5.69 -16.97 -17.34
N ARG B 245 -5.02 -16.18 -18.19
CA ARG B 245 -3.94 -15.31 -17.72
C ARG B 245 -4.41 -14.30 -16.69
N ARG B 246 -5.63 -13.78 -16.86
CA ARG B 246 -6.19 -12.87 -15.87
C ARG B 246 -6.48 -13.62 -14.58
N ASP B 247 -6.93 -14.86 -14.71
CA ASP B 247 -7.23 -15.68 -13.54
C ASP B 247 -5.93 -16.21 -12.94
N GLN B 248 -4.94 -16.46 -13.80
CA GLN B 248 -3.65 -16.94 -13.34
C GLN B 248 -2.84 -15.86 -12.62
N ARG B 249 -3.12 -14.60 -12.95
CA ARG B 249 -2.35 -13.49 -12.37
C ARG B 249 -3.06 -12.90 -11.15
N ILE B 250 -4.39 -13.02 -11.12
CA ILE B 250 -5.17 -12.47 -10.03
C ILE B 250 -4.93 -13.25 -8.74
N LYS B 251 -4.51 -14.50 -8.89
CA LYS B 251 -4.23 -15.34 -7.74
C LYS B 251 -2.85 -15.06 -7.16
N LEU B 252 -1.96 -14.51 -7.99
CA LEU B 252 -0.63 -14.18 -7.53
C LEU B 252 -0.50 -12.74 -7.07
N GLN B 253 -1.24 -11.84 -7.71
CA GLN B 253 -1.24 -10.43 -7.30
C GLN B 253 -2.07 -10.26 -6.02
N HIS B 254 -2.96 -11.21 -5.76
CA HIS B 254 -3.68 -11.23 -4.49
C HIS B 254 -2.78 -11.85 -3.43
N GLY B 255 -1.84 -12.67 -3.90
CA GLY B 255 -0.83 -13.29 -3.05
C GLY B 255 0.21 -12.25 -2.66
N LEU B 256 0.51 -11.35 -3.59
CA LEU B 256 1.49 -10.29 -3.40
C LEU B 256 1.05 -9.35 -2.30
N ASP B 257 -0.26 -9.27 -2.07
CA ASP B 257 -0.82 -8.44 -1.02
C ASP B 257 -0.33 -8.92 0.34
N THR B 258 -0.26 -10.24 0.49
CA THR B 258 0.17 -10.86 1.75
C THR B 258 1.68 -10.78 1.97
N TYR B 259 2.46 -11.19 0.96
CA TYR B 259 3.92 -11.25 1.08
C TYR B 259 4.50 -9.87 1.36
N GLU B 260 3.94 -8.84 0.75
CA GLU B 260 4.41 -7.48 0.94
C GLU B 260 3.98 -6.96 2.31
N ARG B 261 2.88 -7.50 2.83
CA ARG B 261 2.39 -7.17 4.16
C ARG B 261 3.18 -7.98 5.18
N GLU B 262 3.46 -9.23 4.81
CA GLU B 262 4.22 -10.15 5.66
C GLU B 262 5.61 -9.60 5.93
N LEU B 263 6.13 -8.85 4.97
CA LEU B 263 7.45 -8.21 5.10
C LEU B 263 7.34 -6.99 6.01
N LYS B 264 6.21 -6.30 5.93
CA LYS B 264 6.00 -5.06 6.66
C LYS B 264 6.09 -5.28 8.16
N GLU B 265 5.78 -6.49 8.60
CA GLU B 265 5.88 -6.84 10.01
C GLU B 265 7.31 -7.31 10.33
N LYS B 267 10.05 -6.63 9.03
CA LYS B 267 10.98 -5.51 9.04
C LYS B 267 10.59 -4.44 10.06
N ARG B 268 9.43 -4.61 10.69
CA ARG B 268 8.97 -3.69 11.72
C ARG B 268 9.39 -4.13 13.12
N LEU B 269 9.26 -5.44 13.38
CA LEU B 269 9.64 -6.00 14.68
C LEU B 269 11.12 -5.78 14.94
N TYR B 270 11.91 -5.83 13.88
CA TYR B 270 13.35 -5.60 13.95
C TYR B 270 13.63 -4.15 14.32
N LYS B 271 12.81 -3.24 13.82
CA LYS B 271 13.00 -1.82 14.07
C LYS B 271 12.73 -1.52 15.54
N GLN B 272 11.76 -2.19 16.13
CA GLN B 272 11.47 -2.01 17.55
C GLN B 272 12.51 -2.77 18.36
N LYS B 273 13.18 -3.72 17.71
CA LYS B 273 14.22 -4.52 18.36
C LYS B 273 15.54 -3.78 18.23
N THR B 274 15.68 -3.01 17.15
CA THR B 274 16.87 -2.22 16.95
C THR B 274 16.86 -0.95 17.83
N THR B 275 15.67 -0.45 18.12
CA THR B 275 15.54 0.73 18.98
C THR B 275 15.39 0.42 20.46
N LEU B 276 15.03 -0.82 20.79
CA LEU B 276 14.92 -1.21 22.20
C LEU B 276 16.30 -1.40 22.84
N LEU B 277 17.00 -2.45 22.42
CA LEU B 277 18.33 -2.77 22.94
C LEU B 277 18.31 -2.97 24.45
N LYS C 6 -26.33 14.59 -33.68
CA LYS C 6 -26.10 15.33 -32.44
C LYS C 6 -26.60 14.56 -31.23
N VAL C 7 -26.97 13.30 -31.45
CA VAL C 7 -27.38 12.41 -30.37
C VAL C 7 -26.15 11.86 -29.65
N GLN C 8 -24.99 11.98 -30.30
CA GLN C 8 -23.73 11.51 -29.72
C GLN C 8 -23.36 12.25 -28.45
N ALA C 10 -25.04 12.52 -26.03
CA ALA C 10 -25.63 11.79 -24.91
C ALA C 10 -24.55 11.12 -24.07
N LYS C 11 -23.52 10.62 -24.74
CA LYS C 11 -22.41 9.94 -24.07
C LYS C 11 -21.33 10.90 -23.58
N GLU C 12 -21.29 12.10 -24.17
CA GLU C 12 -20.24 13.07 -23.85
C GLU C 12 -20.23 13.49 -22.37
N GLU C 13 -21.38 13.45 -21.72
CA GLU C 13 -21.43 13.76 -20.29
C GLU C 13 -21.93 12.50 -19.55
N GLU C 14 -21.96 11.38 -20.26
CA GLU C 14 -22.19 10.08 -19.62
C GLU C 14 -20.96 9.53 -18.91
N LEU C 15 -19.84 9.40 -19.64
CA LEU C 15 -18.63 8.85 -19.05
C LEU C 15 -17.76 9.94 -18.42
N ALA C 16 -17.83 11.15 -18.98
CA ALA C 16 -17.04 12.27 -18.49
C ALA C 16 -17.51 12.69 -17.11
N GLU C 17 -18.70 12.22 -16.72
CA GLU C 17 -19.19 12.43 -15.38
C GLU C 17 -18.73 11.26 -14.51
N SER C 18 -18.65 10.07 -15.11
CA SER C 18 -18.20 8.90 -14.37
C SER C 18 -16.67 8.85 -14.35
N SER C 19 -16.04 9.62 -15.22
CA SER C 19 -14.58 9.74 -15.23
C SER C 19 -14.13 10.60 -14.06
N ALA C 20 -14.96 11.57 -13.70
CA ALA C 20 -14.65 12.46 -12.59
C ALA C 20 -14.72 11.72 -11.28
N ILE C 21 -15.55 10.68 -11.23
CA ILE C 21 -15.65 9.81 -10.06
C ILE C 21 -14.32 9.09 -9.84
N SER C 22 -13.67 8.70 -10.94
CA SER C 22 -12.37 8.04 -10.86
C SER C 22 -11.33 9.00 -10.31
N ALA C 23 -11.46 10.27 -10.69
CA ALA C 23 -10.56 11.31 -10.24
C ALA C 23 -10.74 11.55 -8.74
N LYS C 24 -11.99 11.61 -8.32
CA LYS C 24 -12.33 11.81 -6.92
C LYS C 24 -11.92 10.59 -6.09
N GLU C 25 -12.09 9.41 -6.69
CA GLU C 25 -11.71 8.16 -6.05
C GLU C 25 -10.20 8.03 -5.96
N ALA C 26 -9.50 8.87 -6.70
CA ALA C 26 -8.04 8.86 -6.71
C ALA C 26 -7.47 9.73 -5.61
N LYS C 27 -8.13 10.84 -5.30
CA LYS C 27 -7.69 11.71 -4.22
C LYS C 27 -7.83 11.00 -2.87
N ILE C 28 -8.79 10.08 -2.81
CA ILE C 28 -9.02 9.25 -1.62
C ILE C 28 -7.88 8.24 -1.42
N GLU C 29 -7.65 7.42 -2.44
CA GLU C 29 -6.66 6.34 -2.35
C GLU C 29 -5.27 6.95 -2.20
N ASP C 30 -5.13 8.22 -2.57
CA ASP C 30 -3.89 8.94 -2.33
C ASP C 30 -3.82 9.46 -0.89
N THR C 31 -4.99 9.74 -0.31
CA THR C 31 -5.04 10.30 1.04
C THR C 31 -4.96 9.22 2.11
N ARG C 32 -5.63 8.09 1.90
CA ARG C 32 -5.51 6.98 2.85
C ARG C 32 -4.12 6.35 2.78
N ASP C 33 -3.44 6.53 1.64
CA ASP C 33 -2.07 6.05 1.52
C ASP C 33 -1.06 7.14 1.91
N LYS C 34 -1.57 8.33 2.22
CA LYS C 34 -0.74 9.43 2.71
C LYS C 34 -0.72 9.47 4.23
N ILE C 35 -1.84 9.07 4.84
CA ILE C 35 -1.95 8.99 6.29
C ILE C 35 -1.14 7.80 6.76
N GLN C 36 -1.05 6.79 5.91
CA GLN C 36 -0.39 5.52 6.22
C GLN C 36 1.08 5.71 6.56
N ALA C 37 1.63 6.85 6.15
CA ALA C 37 2.98 7.25 6.53
C ALA C 37 2.98 7.72 7.98
N LEU C 38 1.83 8.24 8.41
CA LEU C 38 1.69 8.86 9.72
C LEU C 38 1.14 7.89 10.76
N ASP C 39 0.48 6.82 10.31
CA ASP C 39 0.03 5.79 11.26
C ASP C 39 1.23 4.95 11.68
N GLU C 40 2.36 5.14 10.99
CA GLU C 40 3.60 4.45 11.33
C GLU C 40 4.70 5.37 11.83
N SER C 41 4.61 6.66 11.50
CA SER C 41 5.58 7.63 12.02
C SER C 41 5.33 7.84 13.51
N VAL C 42 4.07 8.05 13.86
CA VAL C 42 3.67 8.19 15.25
C VAL C 42 4.03 6.94 16.05
N ASP C 43 3.68 5.77 15.54
CA ASP C 43 3.98 4.50 16.23
C ASP C 43 5.48 4.33 16.42
N GLU C 44 6.26 4.71 15.41
CA GLU C 44 7.70 4.60 15.48
C GLU C 44 8.30 5.64 16.43
N LEU C 45 7.72 6.84 16.45
CA LEU C 45 8.22 7.91 17.30
C LEU C 45 7.78 7.68 18.73
N GLN C 46 6.59 7.09 18.90
CA GLN C 46 6.08 6.78 20.23
C GLN C 46 6.87 5.61 20.80
N GLN C 47 7.52 4.86 19.92
CA GLN C 47 8.34 3.73 20.34
C GLN C 47 9.79 4.16 20.56
N VAL C 48 10.18 5.26 19.92
CA VAL C 48 11.49 5.86 20.18
C VAL C 48 11.47 6.56 21.53
N LEU C 49 10.40 7.32 21.77
CA LEU C 49 10.21 8.05 23.02
C LEU C 49 10.20 7.10 24.21
N LEU C 50 9.62 5.90 24.03
CA LEU C 50 9.56 4.90 25.09
C LEU C 50 10.96 4.56 25.62
N VAL C 51 11.88 4.28 24.70
CA VAL C 51 13.24 3.95 25.09
C VAL C 51 13.89 5.19 25.72
N THR C 52 13.71 6.33 25.06
CA THR C 52 14.30 7.59 25.52
C THR C 52 13.71 8.03 26.87
N SER C 53 12.41 7.81 27.07
CA SER C 53 11.75 8.20 28.31
C SER C 53 12.27 7.34 29.47
N GLU C 54 12.52 6.06 29.20
CA GLU C 54 13.02 5.15 30.21
C GLU C 54 14.47 5.45 30.57
N GLU C 55 15.27 5.74 29.55
CA GLU C 55 16.70 5.97 29.74
C GLU C 55 16.95 7.27 30.49
N LEU C 56 16.06 8.24 30.32
CA LEU C 56 16.20 9.53 30.95
C LEU C 56 16.11 9.39 32.48
N GLU C 57 15.11 8.66 32.95
CA GLU C 57 14.88 8.55 34.38
C GLU C 57 15.88 7.62 35.04
N LYS C 58 16.75 7.00 34.24
CA LYS C 58 17.90 6.31 34.78
C LYS C 58 19.04 7.28 35.04
N LEU C 59 19.24 8.21 34.12
CA LEU C 59 20.28 9.22 34.27
C LEU C 59 19.83 10.20 35.33
N GLU C 60 18.55 10.56 35.27
CA GLU C 60 17.98 11.52 36.20
C GLU C 60 17.88 10.86 37.58
N GLY C 61 17.80 9.53 37.57
CA GLY C 61 17.81 8.76 38.80
C GLY C 61 19.20 8.48 39.34
N ARG C 62 20.13 8.13 38.46
CA ARG C 62 21.52 7.88 38.83
C ARG C 62 22.20 9.14 39.33
N LYS C 63 21.69 10.29 38.92
CA LYS C 63 22.28 11.56 39.30
C LYS C 63 21.99 11.88 40.76
N GLU C 64 20.93 11.29 41.30
CA GLU C 64 20.59 11.51 42.70
C GLU C 64 21.36 10.55 43.60
N VAL C 65 21.75 9.41 43.02
CA VAL C 65 22.55 8.43 43.74
C VAL C 65 23.96 8.99 43.99
N LEU C 66 24.54 9.54 42.93
CA LEU C 66 25.85 10.17 43.03
C LEU C 66 25.74 11.42 43.89
N LYS C 67 24.56 12.03 43.87
CA LYS C 67 24.29 13.20 44.69
C LYS C 67 24.11 12.78 46.14
N GLU C 68 23.67 11.53 46.34
CA GLU C 68 23.51 10.98 47.68
C GLU C 68 24.83 10.45 48.18
N ARG C 69 25.66 9.95 47.26
CA ARG C 69 26.94 9.39 47.64
C ARG C 69 27.95 10.49 47.98
N LYS C 70 27.81 11.64 47.31
CA LYS C 70 28.67 12.78 47.61
C LYS C 70 28.21 13.58 48.83
N LYS C 71 26.91 13.87 48.90
CA LYS C 71 26.39 14.70 49.98
C LYS C 71 26.40 14.02 51.35
N ASN C 72 26.59 12.71 51.36
CA ASN C 72 26.77 11.99 52.62
C ASN C 72 28.24 11.74 52.93
N ALA C 73 29.07 11.66 51.90
CA ALA C 73 30.51 11.47 52.12
C ALA C 73 31.12 12.79 52.53
N VAL C 74 30.61 13.87 51.96
CA VAL C 74 31.08 15.21 52.28
C VAL C 74 30.74 15.59 53.71
N GLN C 75 29.59 15.09 54.18
CA GLN C 75 29.11 15.32 55.54
C GLN C 75 29.86 14.48 56.56
N ASN C 76 30.45 13.42 56.05
CA ASN C 76 31.27 12.51 56.81
C ASN C 76 32.75 12.85 56.83
N GLN C 77 33.19 13.52 55.78
CA GLN C 77 34.54 14.04 55.68
C GLN C 77 34.59 15.26 56.58
N GLU C 78 33.56 16.09 56.48
CA GLU C 78 33.44 17.28 57.31
C GLU C 78 33.27 16.90 58.77
N GLN C 79 32.79 15.68 58.99
CA GLN C 79 32.63 15.15 60.32
C GLN C 79 34.00 14.73 60.86
N LEU C 80 34.80 14.14 59.98
CA LEU C 80 36.14 13.71 60.33
C LEU C 80 37.06 14.92 60.36
N GLU C 81 36.74 15.91 59.53
CA GLU C 81 37.50 17.16 59.48
C GLU C 81 37.38 17.87 60.81
N GLU C 82 36.28 17.64 61.51
CA GLU C 82 36.09 18.15 62.85
C GLU C 82 37.05 17.47 63.81
N ALA C 83 37.24 16.16 63.62
CA ALA C 83 38.13 15.38 64.46
C ALA C 83 39.57 15.84 64.27
N ILE C 84 39.90 16.24 63.04
CA ILE C 84 41.24 16.74 62.73
C ILE C 84 41.53 18.00 63.54
N VAL C 85 40.51 18.83 63.72
CA VAL C 85 40.62 20.04 64.51
C VAL C 85 40.55 19.72 66.00
N GLN C 86 39.69 18.78 66.35
CA GLN C 86 39.48 18.40 67.75
C GLN C 86 40.66 17.67 68.37
N PHE C 87 41.29 16.81 67.58
CA PHE C 87 42.45 16.04 68.05
C PHE C 87 43.68 16.91 68.13
N GLN C 88 43.80 17.85 67.19
CA GLN C 88 44.91 18.80 67.16
C GLN C 88 44.87 19.73 68.35
N GLN C 89 43.69 19.91 68.94
CA GLN C 89 43.51 20.80 70.08
C GLN C 89 44.16 20.25 71.35
N LYS C 90 44.10 18.95 71.55
CA LYS C 90 44.72 18.34 72.72
C LYS C 90 46.23 18.34 72.55
N GLU C 91 46.67 18.08 71.32
CA GLU C 91 48.09 18.04 71.00
C GLU C 91 48.68 19.44 71.14
N THR C 92 47.91 20.44 70.74
CA THR C 92 48.35 21.82 70.84
C THR C 92 48.50 22.21 72.31
N VAL C 93 47.66 21.62 73.16
CA VAL C 93 47.73 21.85 74.59
C VAL C 93 48.84 20.99 75.21
N LEU C 94 48.86 19.72 74.84
CA LEU C 94 49.80 18.74 75.38
C LEU C 94 51.26 19.04 75.05
N LYS C 95 51.51 19.49 73.82
CA LYS C 95 52.87 19.78 73.37
C LYS C 95 53.48 20.92 74.18
N GLU C 96 52.61 21.78 74.71
CA GLU C 96 53.04 22.87 75.57
C GLU C 96 53.44 22.31 76.93
N GLU C 97 52.62 21.40 77.44
CA GLU C 97 52.84 20.77 78.74
C GLU C 97 54.09 19.88 78.75
N LEU C 98 54.24 19.08 77.69
CA LEU C 98 55.36 18.14 77.60
C LEU C 98 56.71 18.86 77.68
N SER C 99 56.80 20.00 77.02
CA SER C 99 58.01 20.82 77.08
C SER C 99 58.19 21.42 78.47
N LYS C 100 57.07 21.82 79.06
CA LYS C 100 57.04 22.46 80.38
C LYS C 100 57.39 21.52 81.53
N GLN C 101 57.00 20.25 81.41
CA GLN C 101 57.24 19.29 82.47
C GLN C 101 58.70 18.83 82.47
N GLU C 102 59.39 19.05 81.37
CA GLU C 102 60.80 18.72 81.29
C GLU C 102 61.59 19.75 82.11
N ALA C 103 61.02 20.95 82.21
CA ALA C 103 61.59 22.02 83.01
C ALA C 103 61.43 21.70 84.50
N VAL C 104 60.35 21.00 84.83
CA VAL C 104 60.10 20.58 86.21
C VAL C 104 61.18 19.61 86.68
N PHE C 105 61.67 18.78 85.75
CA PHE C 105 62.77 17.86 86.05
C PHE C 105 64.04 18.59 86.42
N GLU C 106 64.23 19.79 85.88
CA GLU C 106 65.45 20.56 86.09
C GLU C 106 65.71 20.81 87.56
N THR C 107 64.65 21.18 88.29
CA THR C 107 64.77 21.47 89.72
C THR C 107 65.18 20.23 90.52
N LEU C 108 64.96 19.03 89.97
CA LEU C 108 65.28 17.79 90.68
C LEU C 108 66.75 17.63 91.00
N GLN C 109 67.59 17.66 89.97
CA GLN C 109 69.02 17.50 90.17
C GLN C 109 69.58 18.83 90.66
N ALA C 110 68.71 19.83 90.67
CA ALA C 110 69.01 21.12 91.28
C ALA C 110 68.72 20.98 92.77
N GLU C 111 67.83 20.05 93.10
CA GLU C 111 67.42 19.83 94.48
C GLU C 111 68.44 18.89 95.12
N VAL C 112 69.06 18.05 94.30
CA VAL C 112 70.15 17.18 94.78
C VAL C 112 71.32 18.11 95.03
N LYS C 113 71.34 19.22 94.30
CA LYS C 113 72.42 20.20 94.41
C LYS C 113 72.23 20.95 95.72
N GLN C 114 70.97 21.20 96.08
CA GLN C 114 70.65 21.75 97.38
C GLN C 114 71.00 20.71 98.44
N LEU C 115 70.81 19.44 98.08
CA LEU C 115 71.21 18.32 98.93
C LEU C 115 72.74 18.26 98.95
N ARG C 116 73.33 18.42 97.76
CA ARG C 116 74.77 18.46 97.61
C ARG C 116 75.31 19.65 98.38
N ALA C 117 74.51 20.71 98.43
CA ALA C 117 74.87 21.88 99.21
C ALA C 117 74.84 21.48 100.67
N GLN C 118 73.80 20.76 101.06
CA GLN C 118 73.61 20.34 102.45
C GLN C 118 74.77 19.46 102.91
N VAL C 119 75.21 18.56 102.03
CA VAL C 119 76.34 17.71 102.34
C VAL C 119 77.59 18.58 102.40
N LYS C 120 77.58 19.65 101.61
CA LYS C 120 78.66 20.62 101.62
C LYS C 120 78.46 21.62 102.76
N GLU C 121 77.22 21.73 103.25
CA GLU C 121 76.93 22.58 104.41
C GLU C 121 77.56 21.93 105.63
N LYS C 122 77.37 20.62 105.74
CA LYS C 122 77.92 19.85 106.85
C LYS C 122 79.41 19.63 106.68
N SER C 156 79.35 20.55 120.58
CA SER C 156 79.02 21.95 120.90
C SER C 156 77.85 22.43 120.04
N THR C 157 78.11 22.55 118.74
CA THR C 157 77.11 23.02 117.79
C THR C 157 76.93 21.93 116.76
N LYS C 158 77.40 20.73 117.11
CA LYS C 158 77.33 19.58 116.22
C LYS C 158 75.88 19.19 116.03
N GLU C 159 75.14 19.09 117.13
CA GLU C 159 73.73 18.77 117.06
C GLU C 159 72.98 19.99 116.51
N SER C 160 73.52 21.18 116.74
CA SER C 160 73.04 22.39 116.09
C SER C 160 73.29 22.30 114.58
N LEU C 161 74.47 21.78 114.22
CA LEU C 161 74.84 21.61 112.82
C LEU C 161 73.98 20.58 112.11
N SER C 162 74.00 19.34 112.62
CA SER C 162 73.27 18.24 112.02
C SER C 162 71.76 18.46 111.96
N ASN C 163 71.22 19.15 112.96
CA ASN C 163 69.78 19.43 112.98
C ASN C 163 69.34 20.24 111.77
N GLU C 164 70.22 21.13 111.31
CA GLU C 164 69.96 21.87 110.09
C GLU C 164 70.41 21.07 108.87
N LEU C 165 71.33 20.14 109.08
CA LEU C 165 71.80 19.28 108.00
C LEU C 165 70.86 18.11 107.75
N THR C 166 70.20 17.65 108.80
CA THR C 166 69.27 16.54 108.68
C THR C 166 67.89 17.01 108.26
N GLU C 167 67.68 18.32 108.28
CA GLU C 167 66.44 18.88 107.78
C GLU C 167 66.51 18.95 106.26
N LEU C 168 67.73 18.94 105.75
CA LEU C 168 67.99 18.86 104.32
C LEU C 168 68.37 17.45 103.86
N LYS C 169 68.95 16.67 104.77
CA LYS C 169 69.40 15.31 104.44
C LYS C 169 68.24 14.38 104.11
N ILE C 170 67.11 14.57 104.78
CA ILE C 170 65.91 13.81 104.50
C ILE C 170 65.33 14.29 103.18
N ALA C 171 65.47 15.58 102.93
CA ALA C 171 64.96 16.22 101.72
C ALA C 171 65.68 15.75 100.47
N ALA C 172 66.82 15.09 100.63
CA ALA C 172 67.57 14.59 99.48
C ALA C 172 66.78 13.49 98.77
N ALA C 173 66.52 12.40 99.47
CA ALA C 173 65.76 11.29 98.91
C ALA C 173 64.31 11.72 98.69
N LYS C 174 63.88 12.68 99.50
CA LYS C 174 62.54 13.25 99.38
C LYS C 174 62.36 13.93 98.04
N LYS C 175 63.34 14.75 97.67
CA LYS C 175 63.32 15.46 96.39
C LYS C 175 63.71 14.55 95.24
N GLU C 176 64.54 13.56 95.53
CA GLU C 176 64.98 12.61 94.52
C GLU C 176 63.80 11.76 94.08
N GLN C 177 63.03 11.28 95.05
CA GLN C 177 61.87 10.46 94.79
C GLN C 177 60.70 11.29 94.27
N ALA C 178 60.60 12.54 94.75
CA ALA C 178 59.53 13.43 94.31
C ALA C 178 59.66 13.75 92.82
N CYS C 179 60.86 13.56 92.30
CA CYS C 179 61.13 13.75 90.88
C CYS C 179 61.62 12.45 90.25
N LYS C 180 61.13 11.34 90.78
CA LYS C 180 61.30 10.04 90.15
C LYS C 180 60.04 9.71 89.36
N GLY C 181 58.89 10.09 89.93
CA GLY C 181 57.62 9.89 89.27
C GLY C 181 57.45 10.91 88.17
N GLU C 182 57.88 12.15 88.46
CA GLU C 182 57.85 13.22 87.47
C GLU C 182 58.77 12.88 86.30
N GLU C 183 59.76 12.03 86.56
CA GLU C 183 60.65 11.52 85.53
C GLU C 183 59.95 10.46 84.69
N ASP C 184 58.91 9.87 85.26
CA ASP C 184 58.14 8.83 84.58
C ASP C 184 56.89 9.41 83.92
N ASN C 185 56.41 10.54 84.43
CA ASN C 185 55.23 11.18 83.86
C ASN C 185 55.43 11.78 82.48
N LEU C 186 56.56 12.45 82.26
CA LEU C 186 56.83 13.07 80.97
C LEU C 186 57.19 12.03 79.92
N ALA C 187 57.64 10.86 80.37
CA ALA C 187 57.98 9.78 79.47
C ALA C 187 56.72 9.20 78.84
N ARG C 188 55.67 9.07 79.64
CA ARG C 188 54.41 8.52 79.16
C ARG C 188 53.51 9.61 78.58
N LEU C 189 53.74 10.86 78.98
CA LEU C 189 52.98 11.97 78.42
C LEU C 189 53.40 12.24 76.98
N LYS C 190 54.69 12.11 76.71
CA LYS C 190 55.21 12.28 75.36
C LYS C 190 54.88 11.06 74.51
N LYS C 191 54.74 9.92 75.17
CA LYS C 191 54.40 8.67 74.51
C LYS C 191 52.95 8.70 74.05
N GLU C 192 52.16 9.52 74.72
CA GLU C 192 50.75 9.69 74.39
C GLU C 192 50.62 10.57 73.17
N LEU C 193 51.66 11.37 72.91
CA LEU C 193 51.71 12.23 71.75
C LEU C 193 52.30 11.43 70.59
N THR C 194 52.88 10.28 70.93
CA THR C 194 53.34 9.32 69.93
C THR C 194 52.18 8.49 69.39
N GLU C 195 51.01 8.66 70.00
CA GLU C 195 49.79 7.97 69.57
C GLU C 195 48.84 8.92 68.86
N THR C 196 48.80 10.17 69.31
CA THR C 196 47.91 11.18 68.74
C THR C 196 48.34 11.53 67.33
N GLU C 197 49.65 11.68 67.13
CA GLU C 197 50.22 12.04 65.84
C GLU C 197 49.93 10.99 64.78
N LEU C 198 49.66 9.76 65.22
CA LEU C 198 49.37 8.66 64.30
C LEU C 198 47.92 8.70 63.80
N ALA C 199 47.03 9.23 64.63
CA ALA C 199 45.63 9.35 64.24
C ALA C 199 45.46 10.37 63.12
N LEU C 200 46.35 11.36 63.07
CA LEU C 200 46.32 12.36 62.02
C LEU C 200 46.75 11.71 60.70
N LYS C 201 47.42 10.57 60.78
CA LYS C 201 47.82 9.85 59.59
C LYS C 201 46.83 8.73 59.28
N GLU C 202 45.79 8.60 60.11
CA GLU C 202 44.61 7.83 59.75
C GLU C 202 43.47 8.78 59.40
N ALA C 203 43.75 10.07 59.49
CA ALA C 203 42.83 11.11 59.06
C ALA C 203 43.29 11.54 57.67
N LYS C 204 44.60 11.49 57.49
CA LYS C 204 45.20 11.75 56.18
C LYS C 204 44.80 10.65 55.20
N GLU C 205 44.62 9.43 55.72
CA GLU C 205 44.19 8.32 54.89
C GLU C 205 42.80 8.58 54.29
N ASP C 206 41.95 9.22 55.08
CA ASP C 206 40.60 9.56 54.62
C ASP C 206 40.58 10.84 53.81
N LEU C 207 41.32 11.85 54.28
CA LEU C 207 41.35 13.14 53.63
C LEU C 207 41.95 13.03 52.23
N SER C 208 43.06 12.32 52.13
CA SER C 208 43.74 12.15 50.85
C SER C 208 42.89 11.33 49.89
N PHE C 209 42.23 10.30 50.40
CA PHE C 209 41.44 9.41 49.57
C PHE C 209 40.15 10.02 49.06
N LEU C 210 39.39 10.66 49.96
CA LEU C 210 38.10 11.23 49.59
C LEU C 210 38.28 12.40 48.64
N THR C 211 39.24 13.26 48.94
CA THR C 211 39.47 14.45 48.13
C THR C 211 40.07 14.05 46.78
N SER C 212 40.57 12.81 46.71
CA SER C 212 41.02 12.23 45.45
C SER C 212 39.94 11.30 44.89
N GLU C 213 38.86 11.15 45.66
CA GLU C 213 37.68 10.41 45.22
C GLU C 213 36.56 11.36 44.81
N SER C 215 36.88 14.02 43.56
CA SER C 215 37.29 14.56 42.26
C SER C 215 37.34 13.45 41.23
N SER C 216 37.12 12.20 41.67
CA SER C 216 37.08 11.05 40.78
C SER C 216 35.64 10.67 40.41
N SER C 217 34.70 11.00 41.29
CA SER C 217 33.29 10.76 41.03
C SER C 217 32.68 11.95 40.32
N THR C 218 33.13 13.16 40.71
CA THR C 218 32.65 14.40 40.12
C THR C 218 32.92 14.45 38.61
N SER C 219 34.00 13.82 38.18
CA SER C 219 34.32 13.73 36.75
C SER C 219 33.34 12.80 36.05
N GLY C 220 32.65 11.99 36.85
CA GLY C 220 31.62 11.10 36.34
C GLY C 220 30.30 11.85 36.24
N GLU C 221 30.17 12.85 37.10
CA GLU C 221 28.96 13.68 37.14
C GLU C 221 28.83 14.53 35.88
N GLU C 222 29.97 14.95 35.32
CA GLU C 222 29.98 15.77 34.11
C GLU C 222 29.67 14.96 32.86
N LYS C 223 29.67 13.63 32.99
CA LYS C 223 29.39 12.74 31.89
C LYS C 223 27.91 12.38 31.79
N LEU C 224 27.18 12.55 32.90
CA LEU C 224 25.76 12.22 32.95
C LEU C 224 24.89 13.44 32.72
N GLU C 225 25.16 14.53 33.43
CA GLU C 225 24.36 15.74 33.27
C GLU C 225 24.45 16.22 31.82
N GLU C 226 25.54 15.84 31.16
CA GLU C 226 25.70 16.04 29.72
C GLU C 226 24.73 15.15 28.96
N ALA C 227 24.73 13.86 29.28
CA ALA C 227 23.90 12.89 28.62
C ALA C 227 22.43 13.09 28.96
N ALA C 228 22.15 13.44 30.21
CA ALA C 228 20.79 13.66 30.66
C ALA C 228 20.18 14.84 29.90
N LYS C 229 21.02 15.81 29.56
CA LYS C 229 20.61 16.95 28.77
C LYS C 229 20.58 16.55 27.30
N HIS C 230 21.39 15.55 26.96
CA HIS C 230 21.50 15.07 25.59
C HIS C 230 20.37 14.09 25.26
N LYS C 231 19.92 13.33 26.26
CA LYS C 231 18.78 12.45 26.09
C LYS C 231 17.46 13.20 26.20
N LEU C 232 17.47 14.34 26.87
CA LEU C 232 16.27 15.14 27.08
C LEU C 232 15.82 15.91 25.84
N ASN C 233 16.77 16.51 25.13
CA ASN C 233 16.41 17.27 23.93
C ASN C 233 15.83 16.31 22.90
N ASP C 234 16.36 15.09 22.88
CA ASP C 234 15.82 14.04 22.02
C ASP C 234 14.44 13.64 22.53
N LYS C 235 14.28 13.62 23.85
CA LYS C 235 12.99 13.26 24.44
C LYS C 235 11.95 14.33 24.15
N THR C 236 12.34 15.58 24.38
CA THR C 236 11.43 16.71 24.18
C THR C 236 11.08 16.89 22.70
N LYS C 237 12.07 16.69 21.83
CA LYS C 237 11.83 16.84 20.40
C LYS C 237 10.96 15.71 19.84
N THR C 238 11.05 14.52 20.43
CA THR C 238 10.24 13.39 19.97
C THR C 238 8.79 13.48 20.41
N ILE C 239 8.53 14.03 21.60
CA ILE C 239 7.16 14.20 22.05
C ILE C 239 6.52 15.35 21.27
N GLU C 240 7.35 16.32 20.88
CA GLU C 240 6.87 17.48 20.14
C GLU C 240 6.59 17.15 18.67
N LEU C 241 7.35 16.21 18.11
CA LEU C 241 7.11 15.75 16.75
C LEU C 241 5.79 15.01 16.66
N ILE C 242 5.59 14.05 17.56
CA ILE C 242 4.35 13.29 17.61
C ILE C 242 3.19 14.26 17.74
N ALA C 243 3.33 15.22 18.65
CA ALA C 243 2.31 16.24 18.84
C ALA C 243 2.09 17.05 17.57
N LEU C 244 3.15 17.26 16.81
CA LEU C 244 3.08 17.97 15.54
C LEU C 244 2.51 17.07 14.44
N ARG C 245 3.05 15.85 14.36
CA ARG C 245 2.66 14.87 13.35
C ARG C 245 1.18 14.52 13.44
N ARG C 246 0.65 14.53 14.66
CA ARG C 246 -0.76 14.24 14.90
C ARG C 246 -1.64 15.29 14.21
N ASP C 247 -1.16 16.53 14.18
CA ASP C 247 -1.89 17.62 13.56
C ASP C 247 -1.85 17.49 12.05
N GLN C 248 -0.78 16.89 11.54
CA GLN C 248 -0.65 16.68 10.09
C GLN C 248 -1.67 15.66 9.60
N ARG C 249 -2.09 14.76 10.49
CA ARG C 249 -3.02 13.71 10.11
C ARG C 249 -4.43 14.15 10.42
N ILE C 250 -4.58 15.00 11.43
CA ILE C 250 -5.88 15.54 11.79
C ILE C 250 -6.31 16.52 10.71
N LYS C 251 -5.32 17.05 10.00
CA LYS C 251 -5.54 18.00 8.91
C LYS C 251 -5.91 17.25 7.63
N LEU C 252 -5.49 15.99 7.55
CA LEU C 252 -5.79 15.14 6.40
C LEU C 252 -7.02 14.27 6.65
N GLN C 253 -7.27 13.95 7.91
CA GLN C 253 -8.42 13.14 8.29
C GLN C 253 -9.72 13.91 8.09
N HIS C 254 -9.62 15.23 8.03
CA HIS C 254 -10.77 16.07 7.71
C HIS C 254 -11.00 16.08 6.20
N GLY C 255 -9.94 15.83 5.44
CA GLY C 255 -10.04 15.79 3.98
C GLY C 255 -10.67 14.54 3.40
N LEU C 256 -10.33 13.38 3.95
CA LEU C 256 -10.87 12.12 3.45
C LEU C 256 -12.37 12.03 3.71
N ASP C 257 -12.82 12.69 4.78
CA ASP C 257 -14.22 12.71 5.16
C ASP C 257 -15.08 13.43 4.12
N THR C 258 -14.54 14.52 3.56
CA THR C 258 -15.24 15.29 2.55
C THR C 258 -15.22 14.53 1.23
N TYR C 259 -14.03 14.06 0.86
CA TYR C 259 -13.84 13.35 -0.39
C TYR C 259 -14.70 12.08 -0.42
N GLU C 260 -14.82 11.43 0.72
CA GLU C 260 -15.63 10.21 0.83
C GLU C 260 -17.11 10.57 0.79
N ARG C 261 -17.42 11.79 1.22
CA ARG C 261 -18.81 12.25 1.19
C ARG C 261 -19.17 12.73 -0.20
N GLU C 262 -18.25 13.44 -0.85
CA GLU C 262 -18.46 13.92 -2.21
C GLU C 262 -18.62 12.75 -3.18
N LEU C 263 -17.98 11.63 -2.86
CA LEU C 263 -18.05 10.45 -3.71
C LEU C 263 -19.41 9.77 -3.56
N LYS C 264 -19.94 9.81 -2.34
CA LYS C 264 -21.21 9.17 -2.03
C LYS C 264 -22.38 9.80 -2.78
N GLU C 265 -22.28 11.11 -3.06
CA GLU C 265 -23.33 11.80 -3.79
C GLU C 265 -23.09 11.76 -5.30
N LYS C 267 -21.71 9.22 -7.08
CA LYS C 267 -22.18 7.91 -7.53
C LYS C 267 -23.66 7.73 -7.23
N ARG C 268 -24.24 8.66 -6.47
CA ARG C 268 -25.68 8.64 -6.22
C ARG C 268 -26.37 9.53 -7.26
N LEU C 269 -25.82 10.72 -7.51
CA LEU C 269 -26.38 11.62 -8.50
C LEU C 269 -26.23 11.02 -9.89
N TYR C 270 -25.10 10.34 -10.11
CA TYR C 270 -24.84 9.68 -11.38
C TYR C 270 -25.83 8.54 -11.57
N LYS C 271 -26.11 7.82 -10.48
CA LYS C 271 -27.05 6.72 -10.52
C LYS C 271 -28.47 7.26 -10.70
N GLN C 272 -28.73 8.42 -10.11
CA GLN C 272 -30.02 9.07 -10.22
C GLN C 272 -30.14 9.73 -11.59
N LYS C 273 -29.01 9.99 -12.23
CA LYS C 273 -29.01 10.58 -13.57
C LYS C 273 -29.02 9.52 -14.68
N THR C 274 -28.44 8.35 -14.40
CA THR C 274 -28.45 7.26 -15.36
C THR C 274 -29.81 6.56 -15.39
N THR C 275 -30.50 6.61 -14.26
CA THR C 275 -31.83 6.01 -14.15
C THR C 275 -32.92 7.05 -14.36
N LYS D 6 -38.11 -12.20 -21.74
CA LYS D 6 -36.83 -12.80 -21.43
C LYS D 6 -35.69 -11.78 -21.56
N VAL D 7 -36.06 -10.51 -21.77
CA VAL D 7 -35.08 -9.45 -21.81
C VAL D 7 -34.69 -9.04 -20.40
N GLN D 8 -35.55 -9.37 -19.45
CA GLN D 8 -35.30 -9.08 -18.04
C GLN D 8 -34.14 -9.92 -17.53
N ALA D 10 -31.62 -10.72 -18.66
CA ALA D 10 -30.32 -10.12 -18.93
C ALA D 10 -30.09 -8.92 -18.01
N LYS D 11 -31.16 -8.17 -17.75
CA LYS D 11 -31.08 -6.99 -16.89
C LYS D 11 -31.30 -7.35 -15.42
N GLU D 12 -31.92 -8.50 -15.19
CA GLU D 12 -32.21 -8.97 -13.84
C GLU D 12 -30.94 -9.18 -13.01
N GLU D 13 -29.84 -9.37 -13.71
CA GLU D 13 -28.54 -9.58 -13.08
C GLU D 13 -27.58 -8.43 -13.37
N GLU D 14 -28.15 -7.31 -13.81
CA GLU D 14 -27.41 -6.05 -13.83
C GLU D 14 -27.36 -5.66 -12.36
N LEU D 15 -28.50 -5.82 -11.70
CA LEU D 15 -28.65 -5.47 -10.29
C LEU D 15 -28.07 -6.56 -9.39
N ALA D 16 -28.16 -7.82 -9.83
CA ALA D 16 -27.64 -8.92 -9.04
C ALA D 16 -26.11 -8.86 -9.01
N GLU D 17 -25.54 -8.10 -9.94
CA GLU D 17 -24.10 -7.86 -9.95
C GLU D 17 -23.75 -6.61 -9.16
N SER D 18 -24.64 -5.62 -9.17
CA SER D 18 -24.41 -4.38 -8.42
C SER D 18 -24.77 -4.60 -6.96
N SER D 19 -25.44 -5.71 -6.68
CA SER D 19 -25.77 -6.09 -5.32
C SER D 19 -24.54 -6.59 -4.56
N ALA D 20 -23.66 -7.28 -5.28
CA ALA D 20 -22.44 -7.81 -4.68
C ALA D 20 -21.42 -6.73 -4.38
N ILE D 21 -21.44 -5.65 -5.16
CA ILE D 21 -20.55 -4.51 -4.93
C ILE D 21 -20.86 -3.88 -3.59
N SER D 22 -22.14 -3.84 -3.24
CA SER D 22 -22.57 -3.30 -1.95
C SER D 22 -22.07 -4.16 -0.79
N ALA D 23 -22.04 -5.47 -1.00
CA ALA D 23 -21.59 -6.41 0.02
C ALA D 23 -20.10 -6.28 0.31
N LYS D 24 -19.30 -6.23 -0.76
CA LYS D 24 -17.86 -6.11 -0.60
C LYS D 24 -17.51 -4.74 -0.06
N GLU D 25 -18.22 -3.72 -0.51
CA GLU D 25 -17.99 -2.36 -0.05
C GLU D 25 -18.43 -2.19 1.41
N ALA D 26 -19.23 -3.14 1.88
CA ALA D 26 -19.68 -3.11 3.26
C ALA D 26 -18.70 -3.84 4.17
N LYS D 27 -18.13 -4.94 3.67
CA LYS D 27 -17.14 -5.68 4.44
C LYS D 27 -15.86 -4.87 4.56
N ILE D 28 -15.60 -4.03 3.56
CA ILE D 28 -14.44 -3.15 3.56
C ILE D 28 -14.61 -2.05 4.59
N GLU D 29 -15.71 -1.30 4.46
CA GLU D 29 -15.96 -0.15 5.32
C GLU D 29 -16.16 -0.59 6.76
N ASP D 30 -16.52 -1.86 6.98
CA ASP D 30 -16.59 -2.39 8.33
C ASP D 30 -15.22 -2.81 8.84
N THR D 31 -14.37 -3.27 7.94
CA THR D 31 -13.03 -3.73 8.33
C THR D 31 -12.10 -2.53 8.43
N ARG D 32 -12.27 -1.57 7.52
CA ARG D 32 -11.48 -0.34 7.56
C ARG D 32 -11.88 0.48 8.79
N ASP D 33 -13.11 0.29 9.27
CA ASP D 33 -13.56 0.91 10.51
C ASP D 33 -13.36 -0.03 11.71
N LYS D 34 -12.87 -1.23 11.45
CA LYS D 34 -12.58 -2.18 12.54
C LYS D 34 -11.13 -2.04 12.98
N ILE D 35 -10.27 -1.68 12.04
CA ILE D 35 -8.85 -1.48 12.35
C ILE D 35 -8.72 -0.20 13.16
N GLN D 36 -9.57 0.79 12.84
CA GLN D 36 -9.51 2.08 13.49
C GLN D 36 -9.79 1.95 14.98
N ALA D 37 -10.39 0.83 15.36
CA ALA D 37 -10.60 0.52 16.77
C ALA D 37 -9.30 0.08 17.44
N LEU D 38 -8.40 -0.53 16.65
CA LEU D 38 -7.17 -1.10 17.21
C LEU D 38 -5.91 -0.24 17.08
N ASP D 39 -5.85 0.63 16.08
CA ASP D 39 -4.75 1.60 15.99
C ASP D 39 -5.05 2.75 16.95
N GLU D 40 -6.25 2.70 17.54
CA GLU D 40 -6.68 3.66 18.54
C GLU D 40 -6.71 2.97 19.89
N SER D 41 -6.75 1.64 19.87
CA SER D 41 -6.61 0.87 21.09
C SER D 41 -5.15 0.96 21.51
N VAL D 42 -4.27 0.73 20.54
CA VAL D 42 -2.83 0.84 20.73
C VAL D 42 -2.39 2.25 21.16
N ASP D 43 -2.91 3.27 20.50
CA ASP D 43 -2.51 4.66 20.78
C ASP D 43 -2.72 5.01 22.25
N GLU D 44 -3.83 4.53 22.82
CA GLU D 44 -4.09 4.75 24.23
C GLU D 44 -3.18 3.86 25.09
N LEU D 45 -2.93 2.65 24.61
CA LEU D 45 -2.10 1.69 25.34
C LEU D 45 -0.62 1.99 25.18
N GLN D 46 -0.23 2.53 24.02
CA GLN D 46 1.16 2.88 23.79
C GLN D 46 1.48 4.13 24.62
N GLN D 47 0.44 4.85 25.00
CA GLN D 47 0.59 6.04 25.83
C GLN D 47 0.45 5.69 27.31
N VAL D 48 -0.20 4.56 27.60
CA VAL D 48 -0.26 4.06 28.97
C VAL D 48 1.10 3.50 29.37
N LEU D 49 1.67 2.69 28.49
CA LEU D 49 2.99 2.10 28.72
C LEU D 49 4.04 3.19 28.93
N LEU D 50 3.92 4.29 28.19
CA LEU D 50 4.85 5.41 28.33
C LEU D 50 4.89 5.90 29.77
N VAL D 51 3.72 6.17 30.33
CA VAL D 51 3.65 6.62 31.71
C VAL D 51 4.07 5.50 32.66
N THR D 52 3.53 4.30 32.44
CA THR D 52 3.81 3.16 33.32
C THR D 52 5.26 2.72 33.29
N SER D 53 5.88 2.69 32.11
CA SER D 53 7.27 2.28 32.01
C SER D 53 8.19 3.35 32.58
N GLU D 54 7.85 4.61 32.33
CA GLU D 54 8.66 5.72 32.81
C GLU D 54 8.47 5.89 34.33
N GLU D 55 7.24 5.71 34.81
CA GLU D 55 6.95 5.87 36.23
C GLU D 55 7.62 4.75 37.00
N LEU D 56 7.77 3.61 36.33
CA LEU D 56 8.40 2.43 36.92
C LEU D 56 9.88 2.69 37.23
N GLU D 57 10.58 3.24 36.24
CA GLU D 57 12.02 3.45 36.35
C GLU D 57 12.33 4.65 37.23
N LYS D 58 11.27 5.30 37.73
CA LYS D 58 11.42 6.30 38.78
C LYS D 58 11.53 5.61 40.13
N LEU D 59 10.78 4.52 40.30
CA LEU D 59 10.80 3.78 41.55
C LEU D 59 12.11 3.02 41.77
N GLU D 60 12.61 2.33 40.74
CA GLU D 60 13.84 1.56 40.88
C GLU D 60 15.03 2.50 41.03
N GLY D 61 14.86 3.74 40.55
CA GLY D 61 15.88 4.74 40.74
C GLY D 61 15.73 5.21 42.18
N ARG D 62 14.48 5.35 42.61
CA ARG D 62 14.18 5.69 43.99
C ARG D 62 14.57 4.53 44.91
N LYS D 63 14.49 3.31 44.38
CA LYS D 63 14.86 2.11 45.13
C LYS D 63 16.36 1.83 45.18
N GLU D 64 17.09 2.35 44.19
CA GLU D 64 18.52 2.09 44.13
C GLU D 64 19.26 3.11 44.99
N VAL D 65 18.61 4.24 45.23
CA VAL D 65 19.14 5.27 46.12
C VAL D 65 19.16 4.71 47.53
N LEU D 66 18.05 4.10 47.92
CA LEU D 66 17.93 3.47 49.24
C LEU D 66 18.90 2.30 49.37
N LYS D 67 19.22 1.67 48.26
CA LYS D 67 20.19 0.57 48.26
C LYS D 67 21.59 1.10 48.45
N GLU D 68 21.83 2.33 47.98
CA GLU D 68 23.10 3.01 48.16
C GLU D 68 23.13 3.75 49.50
N ARG D 69 21.94 4.20 49.93
CA ARG D 69 21.84 4.95 51.18
C ARG D 69 21.96 4.01 52.37
N LYS D 70 21.56 2.77 52.18
CA LYS D 70 21.70 1.75 53.21
C LYS D 70 23.15 1.27 53.21
N LYS D 71 23.70 1.07 52.02
CA LYS D 71 25.07 0.59 51.86
C LYS D 71 26.09 1.64 52.29
N ASN D 72 25.61 2.86 52.53
CA ASN D 72 26.45 3.94 53.05
C ASN D 72 26.38 4.03 54.58
N ALA D 73 25.26 3.56 55.13
CA ALA D 73 25.06 3.59 56.56
C ALA D 73 25.77 2.45 57.31
N VAL D 74 25.84 1.27 56.68
CA VAL D 74 26.49 0.11 57.30
C VAL D 74 27.99 0.32 57.52
N GLN D 75 28.64 1.06 56.63
CA GLN D 75 30.07 1.34 56.79
C GLN D 75 30.25 2.34 57.92
N ASN D 76 29.17 3.05 58.24
CA ASN D 76 29.13 3.98 59.36
C ASN D 76 28.65 3.24 60.61
N GLN D 77 27.86 2.19 60.39
CA GLN D 77 27.42 1.33 61.48
C GLN D 77 28.59 0.48 61.93
N GLU D 78 29.29 -0.11 60.95
CA GLU D 78 30.47 -0.92 61.21
C GLU D 78 31.61 -0.07 61.75
N GLN D 79 31.54 1.23 61.52
CA GLN D 79 32.58 2.15 61.99
C GLN D 79 32.48 2.38 63.49
N LEU D 80 31.25 2.50 63.98
CA LEU D 80 31.02 2.73 65.40
C LEU D 80 31.18 1.44 66.19
N GLU D 81 30.87 0.31 65.55
CA GLU D 81 30.99 -1.00 66.19
C GLU D 81 32.45 -1.29 66.54
N GLU D 82 33.36 -0.76 65.73
CA GLU D 82 34.79 -0.85 66.00
C GLU D 82 35.17 0.05 67.16
N ALA D 83 34.56 1.24 67.19
CA ALA D 83 34.83 2.23 68.22
C ALA D 83 34.38 1.76 69.59
N ILE D 84 33.28 1.01 69.62
CA ILE D 84 32.77 0.45 70.87
C ILE D 84 33.78 -0.52 71.46
N VAL D 85 34.47 -1.25 70.60
CA VAL D 85 35.49 -2.22 71.02
C VAL D 85 36.78 -1.53 71.44
N GLN D 86 37.13 -0.46 70.75
CA GLN D 86 38.37 0.25 71.05
C GLN D 86 38.25 0.90 72.41
N PHE D 87 37.06 1.39 72.71
CA PHE D 87 36.79 2.02 74.00
C PHE D 87 36.66 0.95 75.07
N GLN D 88 36.04 -0.18 74.69
CA GLN D 88 35.89 -1.31 75.60
C GLN D 88 37.24 -1.94 75.92
N GLN D 89 38.20 -1.81 75.01
CA GLN D 89 39.52 -2.39 75.22
C GLN D 89 40.32 -1.64 76.28
N LYS D 90 40.22 -0.31 76.27
CA LYS D 90 40.95 0.50 77.25
C LYS D 90 40.28 0.45 78.61
N GLU D 91 38.95 0.46 78.62
CA GLU D 91 38.17 0.46 79.84
C GLU D 91 38.32 -0.87 80.59
N THR D 92 38.33 -1.97 79.84
CA THR D 92 38.50 -3.29 80.43
C THR D 92 39.90 -3.49 80.98
N VAL D 93 40.88 -2.87 80.34
CA VAL D 93 42.27 -2.98 80.75
C VAL D 93 42.58 -2.08 81.95
N LEU D 94 42.15 -0.83 81.86
CA LEU D 94 42.43 0.15 82.89
C LEU D 94 41.79 -0.20 84.21
N LYS D 95 40.54 -0.67 84.17
CA LYS D 95 39.80 -1.02 85.37
C LYS D 95 40.44 -2.20 86.11
N GLU D 96 41.14 -3.06 85.36
CA GLU D 96 41.81 -4.19 85.97
C GLU D 96 43.06 -3.75 86.73
N GLU D 97 43.89 -2.93 86.07
CA GLU D 97 45.10 -2.43 86.70
C GLU D 97 44.77 -1.44 87.82
N LEU D 98 43.85 -0.51 87.52
CA LEU D 98 43.48 0.53 88.48
C LEU D 98 42.93 -0.07 89.77
N SER D 99 42.13 -1.12 89.66
CA SER D 99 41.58 -1.78 90.84
C SER D 99 42.69 -2.43 91.64
N LYS D 100 43.64 -3.04 90.94
CA LYS D 100 44.77 -3.69 91.59
C LYS D 100 45.77 -2.69 92.15
N GLN D 101 46.00 -1.60 91.41
CA GLN D 101 46.96 -0.57 91.82
C GLN D 101 46.42 0.43 92.84
N GLU D 102 45.10 0.49 92.98
CA GLU D 102 44.50 1.41 93.96
C GLU D 102 44.76 0.89 95.37
N ALA D 103 44.93 -0.42 95.48
CA ALA D 103 45.27 -1.04 96.75
C ALA D 103 46.70 -0.67 97.15
N VAL D 104 47.55 -0.49 96.14
CA VAL D 104 48.93 -0.04 96.35
C VAL D 104 48.93 1.36 96.94
N PHE D 105 47.96 2.17 96.53
CA PHE D 105 47.80 3.51 97.07
C PHE D 105 47.51 3.43 98.56
N GLU D 106 46.76 2.40 98.94
CA GLU D 106 46.45 2.15 100.35
C GLU D 106 47.69 1.70 101.13
N THR D 107 48.40 0.71 100.59
CA THR D 107 49.57 0.15 101.27
C THR D 107 50.71 1.15 101.39
N LEU D 108 50.75 2.10 100.48
CA LEU D 108 51.76 3.15 100.52
C LEU D 108 51.49 4.01 101.75
N GLN D 109 50.27 4.49 101.86
CA GLN D 109 49.85 5.38 102.95
C GLN D 109 49.57 4.59 104.22
N ALA D 110 49.65 3.27 104.15
CA ALA D 110 49.53 2.45 105.36
C ALA D 110 50.87 2.45 106.07
N GLU D 111 51.92 2.67 105.29
CA GLU D 111 53.28 2.65 105.80
C GLU D 111 53.69 4.01 106.37
N VAL D 112 53.09 5.08 105.87
CA VAL D 112 53.40 6.43 106.33
C VAL D 112 52.94 6.67 107.77
N LYS D 113 51.87 6.00 108.18
CA LYS D 113 51.32 6.23 109.51
C LYS D 113 52.20 5.54 110.55
N GLN D 114 52.68 4.35 110.22
CA GLN D 114 53.65 3.66 111.05
C GLN D 114 54.96 4.42 111.01
N LEU D 115 55.26 5.02 109.86
CA LEU D 115 56.44 5.84 109.69
C LEU D 115 56.30 7.12 110.52
N ARG D 116 55.13 7.76 110.45
CA ARG D 116 54.88 8.96 111.22
C ARG D 116 54.93 8.68 112.72
N ALA D 117 54.47 7.50 113.11
CA ALA D 117 54.51 7.10 114.50
C ALA D 117 55.93 6.77 114.96
N GLN D 118 56.65 6.01 114.14
CA GLN D 118 58.00 5.56 114.49
C GLN D 118 58.97 6.71 114.66
N VAL D 119 58.88 7.70 113.77
CA VAL D 119 59.75 8.88 113.85
C VAL D 119 59.40 9.70 115.09
N LYS D 120 58.12 9.71 115.46
CA LYS D 120 57.68 10.41 116.65
C LYS D 120 57.87 9.58 117.90
N GLU D 121 57.94 8.26 117.72
CA GLU D 121 58.17 7.35 118.84
C GLU D 121 59.59 7.45 119.34
N LYS D 122 60.54 7.46 118.42
CA LYS D 122 61.95 7.54 118.76
C LYS D 122 62.33 8.95 119.19
N GLN D 123 61.79 9.96 118.51
CA GLN D 123 62.02 11.34 118.88
C GLN D 123 61.48 11.61 120.28
N GLN D 124 60.41 10.91 120.64
CA GLN D 124 59.86 11.00 121.99
C GLN D 124 60.75 10.21 122.93
N ALA D 125 61.15 9.02 122.48
CA ALA D 125 62.04 8.17 123.25
C ALA D 125 63.39 8.82 123.50
N LEU D 126 64.16 9.02 122.43
CA LEU D 126 65.53 9.53 122.51
C LEU D 126 65.65 10.85 123.30
N SER D 127 64.53 11.56 123.46
CA SER D 127 64.51 12.81 124.22
C SER D 127 64.23 12.54 125.71
N LEU D 128 63.79 11.32 126.01
CA LEU D 128 63.66 10.88 127.40
C LEU D 128 64.92 10.10 127.79
N HIS D 129 65.97 10.29 127.01
CA HIS D 129 67.24 9.62 127.24
C HIS D 129 68.32 10.63 127.60
N ASN D 130 67.88 11.81 128.02
CA ASN D 130 68.76 12.77 128.68
C ASN D 130 68.95 12.37 130.14
N GLU D 131 69.15 11.08 130.35
CA GLU D 131 69.22 10.48 131.68
C GLU D 131 69.66 9.03 131.57
N SER D 155 74.96 9.19 126.01
CA SER D 155 75.54 9.86 124.86
C SER D 155 76.38 8.87 124.04
N SER D 156 76.62 7.70 124.61
CA SER D 156 77.31 6.61 123.93
C SER D 156 76.72 6.33 122.56
N THR D 157 75.47 5.90 122.56
CA THR D 157 74.78 5.49 121.34
C THR D 157 73.54 6.35 121.11
N LYS D 158 73.43 7.45 121.85
CA LYS D 158 72.26 8.32 121.75
C LYS D 158 72.15 9.07 120.41
N GLU D 159 73.21 9.78 120.02
CA GLU D 159 73.20 10.46 118.73
C GLU D 159 73.42 9.43 117.63
N SER D 160 74.06 8.32 118.01
CA SER D 160 74.16 7.16 117.14
C SER D 160 72.75 6.63 116.86
N LEU D 161 71.91 6.63 117.90
CA LEU D 161 70.53 6.21 117.74
C LEU D 161 69.84 7.23 116.83
N SER D 162 70.16 8.50 117.03
CA SER D 162 69.61 9.57 116.21
C SER D 162 70.07 9.39 114.77
N ASN D 163 71.30 8.93 114.60
CA ASN D 163 71.84 8.65 113.28
C ASN D 163 71.03 7.54 112.62
N GLU D 164 70.56 6.61 113.43
CA GLU D 164 69.65 5.55 112.98
C GLU D 164 68.21 6.04 112.98
N LEU D 165 67.96 7.10 113.74
CA LEU D 165 66.65 7.73 113.77
C LEU D 165 66.51 8.67 112.58
N THR D 166 67.63 9.22 112.13
CA THR D 166 67.64 10.10 110.98
C THR D 166 67.68 9.24 109.72
N GLU D 167 67.94 7.94 109.92
CA GLU D 167 67.88 6.97 108.85
C GLU D 167 66.43 6.53 108.64
N LEU D 168 65.61 6.76 109.66
CA LEU D 168 64.18 6.50 109.58
C LEU D 168 63.38 7.75 109.20
N LYS D 169 63.93 8.90 109.53
CA LYS D 169 63.28 10.18 109.23
C LYS D 169 63.19 10.40 107.73
N ILE D 170 64.18 9.89 107.00
CA ILE D 170 64.22 9.98 105.55
C ILE D 170 63.18 9.10 104.88
N ALA D 171 62.93 7.93 105.45
CA ALA D 171 61.98 6.97 104.90
C ALA D 171 60.54 7.49 104.96
N ALA D 172 60.33 8.53 105.75
CA ALA D 172 59.02 9.14 105.89
C ALA D 172 58.59 9.81 104.59
N ALA D 173 59.39 10.75 104.13
CA ALA D 173 59.10 11.49 102.91
C ALA D 173 59.14 10.60 101.67
N LYS D 174 59.89 9.50 101.76
CA LYS D 174 59.98 8.54 100.67
C LYS D 174 58.59 7.94 100.40
N LYS D 175 57.91 7.56 101.48
CA LYS D 175 56.57 7.00 101.39
C LYS D 175 55.55 8.10 101.14
N GLU D 176 55.87 9.30 101.62
CA GLU D 176 54.99 10.44 101.45
C GLU D 176 54.91 10.81 99.97
N GLN D 177 56.07 10.84 99.32
CA GLN D 177 56.15 11.16 97.90
C GLN D 177 55.69 9.99 97.04
N ALA D 178 55.99 8.78 97.47
CA ALA D 178 55.59 7.58 96.74
C ALA D 178 54.08 7.43 96.75
N CYS D 179 53.43 8.09 97.70
CA CYS D 179 51.97 8.10 97.77
C CYS D 179 51.51 9.53 97.59
N LYS D 180 52.32 10.30 96.87
CA LYS D 180 51.91 11.59 96.34
C LYS D 180 51.62 11.43 94.87
N GLY D 181 52.48 10.68 94.18
CA GLY D 181 52.30 10.42 92.76
C GLY D 181 51.26 9.37 92.49
N GLU D 182 51.29 8.28 93.25
CA GLU D 182 50.27 7.23 93.12
C GLU D 182 48.92 7.78 93.53
N GLU D 183 48.94 8.80 94.39
CA GLU D 183 47.74 9.50 94.78
C GLU D 183 47.28 10.42 93.67
N ASP D 184 48.23 10.80 92.81
CA ASP D 184 47.94 11.68 91.68
C ASP D 184 47.77 10.86 90.41
N ASN D 185 48.42 9.69 90.36
CA ASN D 185 48.28 8.79 89.22
C ASN D 185 46.90 8.17 89.23
N LEU D 186 46.43 7.83 90.43
CA LEU D 186 45.11 7.23 90.60
C LEU D 186 44.04 8.28 90.35
N ALA D 187 44.42 9.54 90.43
CA ALA D 187 43.51 10.63 90.17
C ALA D 187 43.13 10.69 88.69
N ARG D 188 44.11 10.47 87.82
CA ARG D 188 43.86 10.52 86.39
C ARG D 188 43.39 9.18 85.83
N LEU D 189 43.67 8.11 86.57
CA LEU D 189 43.21 6.78 86.17
C LEU D 189 41.70 6.68 86.32
N LYS D 190 41.18 7.31 87.36
CA LYS D 190 39.74 7.35 87.60
C LYS D 190 39.10 8.30 86.60
N LYS D 191 39.87 9.29 86.16
CA LYS D 191 39.39 10.28 85.21
C LYS D 191 39.24 9.70 83.81
N GLU D 192 40.00 8.65 83.51
CA GLU D 192 39.94 8.04 82.19
C GLU D 192 38.75 7.11 82.00
N LEU D 193 38.23 6.55 83.10
CA LEU D 193 37.05 5.69 83.00
C LEU D 193 35.80 6.54 83.14
N THR D 194 35.96 7.76 83.65
CA THR D 194 34.87 8.71 83.70
C THR D 194 34.72 9.41 82.36
N GLU D 195 35.69 9.22 81.47
CA GLU D 195 35.66 9.80 80.14
C GLU D 195 35.42 8.74 79.05
N THR D 196 35.97 7.54 79.25
CA THR D 196 35.81 6.48 78.27
C THR D 196 34.36 6.02 78.30
N GLU D 197 33.87 5.80 79.52
CA GLU D 197 32.48 5.40 79.73
C GLU D 197 31.54 6.54 79.32
N LEU D 198 32.05 7.77 79.35
CA LEU D 198 31.28 8.94 78.97
C LEU D 198 31.20 9.09 77.46
N ALA D 199 32.26 8.66 76.78
CA ALA D 199 32.30 8.69 75.33
C ALA D 199 31.30 7.69 74.76
N LEU D 200 31.02 6.65 75.54
CA LEU D 200 30.10 5.59 75.16
C LEU D 200 28.65 6.08 75.08
N LYS D 201 28.34 7.20 75.73
CA LYS D 201 26.99 7.73 75.67
C LYS D 201 26.86 8.80 74.60
N GLU D 202 27.95 9.07 73.89
CA GLU D 202 27.85 9.76 72.61
C GLU D 202 28.08 8.70 71.55
N ALA D 203 28.36 7.48 72.00
CA ALA D 203 28.47 6.34 71.10
C ALA D 203 27.22 5.50 71.14
N LYS D 204 26.63 5.34 72.33
CA LYS D 204 25.35 4.65 72.42
C LYS D 204 24.28 5.53 71.81
N GLU D 205 24.42 6.84 72.04
CA GLU D 205 23.50 7.81 71.47
C GLU D 205 23.61 7.86 69.94
N ASP D 206 24.81 7.63 69.43
CA ASP D 206 25.05 7.65 68.00
C ASP D 206 24.63 6.31 67.39
N LEU D 207 24.95 5.24 68.10
CA LEU D 207 24.59 3.90 67.64
C LEU D 207 23.09 3.76 67.62
N SER D 208 22.43 4.26 68.67
CA SER D 208 20.99 4.13 68.84
C SER D 208 20.18 4.80 67.75
N PHE D 209 20.62 5.97 67.29
CA PHE D 209 19.86 6.68 66.28
C PHE D 209 19.95 5.95 64.95
N LEU D 210 21.16 5.59 64.56
CA LEU D 210 21.39 4.93 63.28
C LEU D 210 20.79 3.53 63.26
N THR D 211 20.99 2.77 64.33
CA THR D 211 20.54 1.38 64.40
C THR D 211 19.01 1.30 64.50
N SER D 212 18.38 2.45 64.74
CA SER D 212 16.93 2.54 64.71
C SER D 212 16.46 3.06 63.37
N GLU D 213 17.42 3.39 62.50
CA GLU D 213 17.11 3.76 61.13
C GLU D 213 17.45 2.63 60.16
N SER D 215 16.27 -0.05 60.44
CA SER D 215 15.05 -0.84 60.48
C SER D 215 13.85 0.02 60.07
N SER D 216 14.09 1.31 59.86
CA SER D 216 13.04 2.22 59.41
C SER D 216 13.11 2.48 57.91
N SER D 217 14.29 2.36 57.32
CA SER D 217 14.47 2.53 55.88
C SER D 217 14.29 1.22 55.12
N THR D 218 14.81 0.14 55.70
CA THR D 218 14.72 -1.19 55.10
C THR D 218 13.26 -1.61 54.91
N SER D 219 12.38 -1.13 55.79
CA SER D 219 10.96 -1.41 55.69
C SER D 219 10.34 -0.69 54.49
N GLY D 220 11.09 0.26 53.94
CA GLY D 220 10.65 0.99 52.76
C GLY D 220 10.92 0.22 51.48
N GLU D 221 11.94 -0.65 51.52
CA GLU D 221 12.27 -1.47 50.36
C GLU D 221 11.15 -2.47 50.09
N GLU D 222 10.54 -2.96 51.16
CA GLU D 222 9.42 -3.89 51.05
C GLU D 222 8.16 -3.11 50.66
N LYS D 223 8.23 -1.79 50.80
CA LYS D 223 7.10 -0.92 50.46
C LYS D 223 7.15 -0.42 49.03
N LEU D 224 8.34 -0.38 48.45
CA LEU D 224 8.51 0.08 47.07
C LEU D 224 8.65 -1.08 46.10
N GLU D 225 9.57 -2.00 46.40
CA GLU D 225 9.82 -3.15 45.52
C GLU D 225 8.57 -4.00 45.36
N GLU D 226 7.67 -3.91 46.34
CA GLU D 226 6.36 -4.56 46.23
C GLU D 226 5.55 -3.87 45.14
N ALA D 227 5.47 -2.55 45.22
CA ALA D 227 4.72 -1.76 44.25
C ALA D 227 5.44 -1.73 42.91
N ALA D 228 6.78 -1.62 42.96
CA ALA D 228 7.58 -1.54 41.75
C ALA D 228 7.47 -2.80 40.91
N LYS D 229 7.29 -3.94 41.57
CA LYS D 229 7.12 -5.19 40.85
C LYS D 229 5.69 -5.27 40.33
N HIS D 230 4.79 -4.57 41.02
CA HIS D 230 3.38 -4.55 40.63
C HIS D 230 3.16 -3.50 39.55
N LYS D 231 3.96 -2.44 39.57
CA LYS D 231 3.91 -1.43 38.51
C LYS D 231 4.60 -2.03 37.29
N LEU D 232 5.46 -3.00 37.55
CA LEU D 232 6.15 -3.74 36.50
C LEU D 232 5.13 -4.68 35.90
N ASN D 233 4.29 -5.24 36.78
CA ASN D 233 3.24 -6.16 36.37
C ASN D 233 2.25 -5.44 35.46
N ASP D 234 2.02 -4.15 35.73
CA ASP D 234 1.19 -3.33 34.85
C ASP D 234 1.86 -3.14 33.51
N LYS D 235 3.18 -3.00 33.55
CA LYS D 235 4.01 -2.78 32.36
C LYS D 235 3.99 -3.99 31.42
N THR D 236 4.17 -5.18 31.98
CA THR D 236 4.27 -6.40 31.18
C THR D 236 2.96 -6.77 30.47
N LYS D 237 1.82 -6.62 31.17
CA LYS D 237 0.54 -6.98 30.55
C LYS D 237 0.18 -5.99 29.43
N THR D 238 0.64 -4.76 29.56
CA THR D 238 0.40 -3.74 28.55
C THR D 238 1.24 -3.97 27.30
N ILE D 239 2.43 -4.55 27.48
CA ILE D 239 3.29 -4.83 26.33
C ILE D 239 2.70 -5.98 25.53
N GLU D 240 2.05 -6.91 26.21
CA GLU D 240 1.45 -8.06 25.54
C GLU D 240 0.12 -7.69 24.90
N LEU D 241 -0.59 -6.71 25.48
CA LEU D 241 -1.82 -6.21 24.89
C LEU D 241 -1.55 -5.52 23.56
N ILE D 242 -0.60 -4.58 23.57
CA ILE D 242 -0.17 -3.89 22.36
C ILE D 242 0.30 -4.93 21.36
N ALA D 243 1.11 -5.87 21.84
CA ALA D 243 1.60 -6.97 21.01
C ALA D 243 0.45 -7.81 20.49
N LEU D 244 -0.60 -7.94 21.29
CA LEU D 244 -1.79 -8.68 20.89
C LEU D 244 -2.60 -7.87 19.89
N ARG D 245 -2.80 -6.59 20.21
CA ARG D 245 -3.59 -5.71 19.35
C ARG D 245 -2.96 -5.60 17.96
N ARG D 246 -1.62 -5.65 17.91
CA ARG D 246 -0.91 -5.64 16.63
C ARG D 246 -1.20 -6.88 15.80
N ASP D 247 -1.36 -8.03 16.47
CA ASP D 247 -1.68 -9.26 15.77
C ASP D 247 -3.13 -9.30 15.32
N GLN D 248 -4.03 -8.65 16.07
CA GLN D 248 -5.44 -8.63 15.70
C GLN D 248 -5.69 -7.80 14.44
N ARG D 249 -4.81 -6.83 14.20
CA ARG D 249 -4.96 -5.89 13.10
C ARG D 249 -4.18 -6.33 11.87
N ILE D 250 -3.14 -7.11 12.08
CA ILE D 250 -2.33 -7.60 10.98
C ILE D 250 -3.12 -8.58 10.13
N LYS D 251 -4.12 -9.22 10.74
CA LYS D 251 -4.99 -10.15 10.03
C LYS D 251 -6.10 -9.41 9.27
N LEU D 252 -6.41 -8.19 9.73
CA LEU D 252 -7.45 -7.39 9.07
C LEU D 252 -6.82 -6.48 8.02
N GLN D 253 -5.56 -6.10 8.23
CA GLN D 253 -4.86 -5.28 7.25
C GLN D 253 -4.58 -6.16 6.03
N HIS D 254 -4.56 -7.47 6.26
CA HIS D 254 -4.47 -8.43 5.17
C HIS D 254 -5.86 -8.67 4.60
N GLY D 255 -6.88 -8.44 5.41
CA GLY D 255 -8.26 -8.63 4.99
C GLY D 255 -8.77 -7.54 4.05
N LEU D 256 -8.42 -6.29 4.33
CA LEU D 256 -8.88 -5.20 3.48
C LEU D 256 -8.25 -5.30 2.10
N ASP D 257 -7.05 -5.88 2.06
CA ASP D 257 -6.32 -6.07 0.81
C ASP D 257 -7.03 -7.02 -0.14
N THR D 258 -7.62 -8.09 0.41
CA THR D 258 -8.31 -9.07 -0.41
C THR D 258 -9.64 -8.51 -0.89
N TYR D 259 -10.41 -7.96 0.04
CA TYR D 259 -11.73 -7.41 -0.28
C TYR D 259 -11.62 -6.28 -1.29
N GLU D 260 -10.58 -5.46 -1.15
CA GLU D 260 -10.38 -4.33 -2.06
C GLU D 260 -9.90 -4.82 -3.42
N ARG D 261 -9.25 -5.97 -3.42
CA ARG D 261 -8.78 -6.56 -4.66
C ARG D 261 -9.91 -7.29 -5.38
N GLU D 262 -10.77 -7.94 -4.60
CA GLU D 262 -11.92 -8.65 -5.14
C GLU D 262 -12.86 -7.72 -5.89
N LEU D 263 -12.93 -6.48 -5.44
CA LEU D 263 -13.80 -5.48 -6.06
C LEU D 263 -13.22 -4.95 -7.38
N LYS D 264 -11.89 -4.83 -7.42
CA LYS D 264 -11.21 -4.28 -8.59
C LYS D 264 -11.46 -5.12 -9.83
N GLU D 265 -11.68 -6.41 -9.64
CA GLU D 265 -11.99 -7.32 -10.75
C GLU D 265 -13.48 -7.32 -11.03
N LYS D 267 -15.70 -4.76 -10.43
CA LYS D 267 -16.01 -3.50 -11.09
C LYS D 267 -15.34 -3.39 -12.46
N ARG D 268 -14.46 -4.34 -12.76
CA ARG D 268 -13.84 -4.44 -14.08
C ARG D 268 -14.69 -5.38 -14.93
N LEU D 269 -15.09 -6.49 -14.31
CA LEU D 269 -15.92 -7.47 -14.98
C LEU D 269 -17.26 -6.82 -15.32
N TYR D 270 -17.71 -5.93 -14.44
CA TYR D 270 -18.92 -5.17 -14.68
C TYR D 270 -18.67 -4.23 -15.86
N LYS D 271 -17.48 -3.67 -15.92
CA LYS D 271 -17.10 -2.76 -16.99
C LYS D 271 -16.89 -3.53 -18.29
N GLN D 272 -16.38 -4.76 -18.17
CA GLN D 272 -16.19 -5.62 -19.33
C GLN D 272 -17.55 -6.15 -19.74
N LYS D 273 -18.49 -6.13 -18.81
CA LYS D 273 -19.87 -6.52 -19.09
C LYS D 273 -20.66 -5.28 -19.51
N THR D 274 -20.21 -4.11 -19.04
CA THR D 274 -20.82 -2.84 -19.43
C THR D 274 -20.40 -2.48 -20.83
N THR D 275 -19.23 -2.95 -21.25
CA THR D 275 -18.75 -2.70 -22.60
C THR D 275 -19.34 -3.80 -23.48
N LEU D 276 -19.81 -4.86 -22.83
CA LEU D 276 -20.51 -5.93 -23.51
C LEU D 276 -21.90 -5.43 -23.89
N LEU D 277 -22.44 -4.56 -23.05
CA LEU D 277 -23.67 -3.85 -23.35
C LEU D 277 -23.39 -2.82 -24.44
N LYS D 278 -22.13 -2.39 -24.52
CA LYS D 278 -21.67 -1.57 -25.63
C LYS D 278 -21.37 -2.47 -26.82
N ASP D 279 -20.89 -3.67 -26.55
CA ASP D 279 -20.73 -4.70 -27.58
C ASP D 279 -22.10 -5.09 -28.12
N GLU D 280 -23.11 -5.02 -27.27
CA GLU D 280 -24.47 -5.42 -27.62
C GLU D 280 -25.49 -4.34 -27.27
#